data_6WXY
#
_entry.id   6WXY
#
_cell.length_a   172.911
_cell.length_b   124.763
_cell.length_c   42.259
_cell.angle_alpha   90.000
_cell.angle_beta   96.790
_cell.angle_gamma   90.000
#
_symmetry.space_group_name_H-M   'C 1 2 1'
#
loop_
_entity.id
_entity.type
_entity.pdbx_description
1 polymer cA6
2 polymer Card1
3 water water
#
loop_
_entity_poly.entity_id
_entity_poly.type
_entity_poly.pdbx_seq_one_letter_code
_entity_poly.pdbx_strand_id
1 'polyribonucleotide' AAAAAA A
2 'polypeptide(L)'
;MKETILVNLVSEQTIPNVQFIKWYFNKKQTPMKILLVSTKEMEQKEKSLFIKNALHFSDSFVEWETIHTDGNDISKTENI
LTDYFRDNEYKNIIVNITGGTKIMSLAAFDFFNNKPNTEIFYQPIGKELQELYPNKQKYDMFEVLSLKEYLDAHGISYKY
DNECVKDWNYNKTVYDLCVADNRELIKGMIALQNNSYFNNVYKRKDFLDFTQIEEEKFIAINHPAATKENMIKILQIFGF
DVSRIEHKHIRYITGGWFEEYVYQKICNEYHNVDEKNVALNVTIQKGNDKNELDVIYLDKDNKLHVIECKSFVDGNEGNR
VLNDALYKLQAIIKSKFGLYVKQHLYTKSIIEKETPLNRAKEFGIDIKDGTQLGSGHHHHHH
;
B,C
#
# COMPACT_ATOMS: atom_id res chain seq x y z
N LYS B 2 35.55 17.63 -17.58
CA LYS B 2 34.49 17.07 -18.43
C LYS B 2 33.75 18.17 -19.18
N GLU B 3 33.59 17.97 -20.49
CA GLU B 3 32.89 18.93 -21.34
C GLU B 3 31.39 18.66 -21.43
N THR B 4 30.94 17.48 -21.03
CA THR B 4 29.52 17.13 -21.04
C THR B 4 29.06 16.92 -19.61
N ILE B 5 27.95 17.56 -19.24
CA ILE B 5 27.35 17.36 -17.93
C ILE B 5 25.90 16.94 -18.09
N LEU B 6 25.48 15.94 -17.31
CA LEU B 6 24.10 15.49 -17.24
C LEU B 6 23.54 15.90 -15.89
N VAL B 7 22.42 16.61 -15.90
CA VAL B 7 21.76 17.07 -14.69
C VAL B 7 20.52 16.22 -14.50
N ASN B 8 20.41 15.59 -13.33
CA ASN B 8 19.24 14.80 -12.97
C ASN B 8 18.75 15.26 -11.60
N LEU B 9 17.43 15.15 -11.39
CA LEU B 9 16.80 15.51 -10.13
C LEU B 9 16.51 14.22 -9.35
N VAL B 10 16.82 14.22 -8.06
CA VAL B 10 16.76 13.02 -7.24
C VAL B 10 15.42 12.95 -6.52
N SER B 11 14.73 11.83 -6.65
CA SER B 11 13.52 11.56 -5.91
C SER B 11 13.57 10.10 -5.45
N GLU B 12 12.45 9.61 -4.91
CA GLU B 12 12.43 8.30 -4.27
C GLU B 12 12.72 7.17 -5.26
N GLN B 13 12.26 7.30 -6.50
CA GLN B 13 12.43 6.22 -7.47
C GLN B 13 13.68 6.49 -8.29
N THR B 14 14.68 5.63 -8.12
CA THR B 14 15.97 5.82 -8.76
C THR B 14 16.03 5.27 -10.18
N ILE B 15 15.22 4.24 -10.51
CA ILE B 15 15.32 3.59 -11.83
C ILE B 15 15.21 4.56 -13.00
N PRO B 16 14.27 5.51 -13.03
CA PRO B 16 14.23 6.45 -14.17
C PRO B 16 15.52 7.22 -14.38
N ASN B 17 16.20 7.65 -13.31
CA ASN B 17 17.46 8.36 -13.48
C ASN B 17 18.55 7.43 -13.98
N VAL B 18 18.57 6.18 -13.48
CA VAL B 18 19.51 5.18 -13.97
C VAL B 18 19.33 4.93 -15.46
N GLN B 19 18.08 4.76 -15.90
CA GLN B 19 17.82 4.54 -17.32
C GLN B 19 18.20 5.76 -18.17
N PHE B 20 17.89 6.98 -17.71
CA PHE B 20 18.26 8.13 -18.52
C PHE B 20 19.77 8.22 -18.68
N ILE B 21 20.51 7.99 -17.59
CA ILE B 21 21.97 8.08 -17.65
C ILE B 21 22.53 6.94 -18.51
N LYS B 22 21.98 5.72 -18.36
CA LYS B 22 22.36 4.62 -19.23
C LYS B 22 22.10 4.94 -20.70
N TRP B 23 20.94 5.55 -20.98
CA TRP B 23 20.56 5.87 -22.35
C TRP B 23 21.56 6.84 -22.98
N TYR B 24 21.91 7.92 -22.27
CA TYR B 24 22.78 8.93 -22.86
C TYR B 24 24.19 8.39 -23.05
N PHE B 25 24.72 7.71 -22.03
CA PHE B 25 26.08 7.18 -22.13
C PHE B 25 26.18 6.14 -23.23
N ASN B 26 25.24 5.19 -23.29
CA ASN B 26 25.31 4.17 -24.32
C ASN B 26 25.19 4.75 -25.72
N LYS B 27 24.63 5.95 -25.86
CA LYS B 27 24.53 6.60 -27.17
C LYS B 27 25.76 7.44 -27.49
N LYS B 28 26.37 8.07 -26.50
CA LYS B 28 27.47 9.01 -26.72
C LYS B 28 28.84 8.45 -26.39
N GLN B 29 28.96 7.61 -25.36
CA GLN B 29 30.22 6.97 -24.98
C GLN B 29 31.37 7.97 -24.92
N THR B 30 31.24 8.93 -24.01
CA THR B 30 32.25 9.95 -23.78
C THR B 30 32.40 10.14 -22.28
N PRO B 31 33.54 10.64 -21.83
CA PRO B 31 33.65 11.07 -20.44
C PRO B 31 32.59 12.15 -20.17
N MET B 32 32.11 12.20 -18.93
CA MET B 32 31.10 13.18 -18.59
C MET B 32 31.05 13.35 -17.08
N LYS B 33 30.36 14.41 -16.65
CA LYS B 33 30.03 14.63 -15.26
C LYS B 33 28.52 14.48 -15.10
N ILE B 34 28.10 13.93 -13.96
CA ILE B 34 26.70 13.82 -13.62
C ILE B 34 26.44 14.71 -12.41
N LEU B 35 25.49 15.62 -12.55
CA LEU B 35 25.08 16.50 -11.45
C LEU B 35 23.74 16.00 -10.92
N LEU B 36 23.72 15.58 -9.67
CA LEU B 36 22.51 15.12 -9.02
C LEU B 36 22.01 16.25 -8.13
N VAL B 37 20.77 16.70 -8.37
CA VAL B 37 20.14 17.73 -7.55
C VAL B 37 19.20 17.04 -6.57
N SER B 38 19.51 17.13 -5.29
CA SER B 38 18.81 16.33 -4.30
C SER B 38 18.37 17.19 -3.12
N THR B 39 17.87 16.57 -2.08
CA THR B 39 17.38 17.25 -0.92
C THR B 39 17.81 16.52 0.32
N LYS B 40 17.46 17.05 1.48
CA LYS B 40 17.77 16.42 2.73
C LYS B 40 17.15 15.08 2.88
N GLU B 41 15.89 14.95 2.53
CA GLU B 41 15.20 13.71 2.65
C GLU B 41 15.80 12.63 1.77
N MET B 42 16.13 12.96 0.54
CA MET B 42 16.70 11.99 -0.34
C MET B 42 18.08 11.52 0.08
N GLU B 43 18.89 12.44 0.53
CA GLU B 43 20.23 12.11 0.95
C GLU B 43 20.29 11.26 2.22
N GLN B 44 19.30 11.40 3.09
CA GLN B 44 19.14 10.56 4.25
C GLN B 44 18.95 9.13 3.77
N LYS B 45 18.18 8.93 2.72
CA LYS B 45 18.03 7.64 2.11
C LYS B 45 19.17 7.24 1.14
N GLU B 46 20.23 8.05 0.99
CA GLU B 46 21.42 7.71 0.20
C GLU B 46 21.09 7.42 -1.27
N LYS B 47 20.11 8.14 -1.81
CA LYS B 47 19.63 7.86 -3.16
C LYS B 47 20.69 8.16 -4.22
N SER B 48 21.49 9.20 -4.02
CA SER B 48 22.56 9.51 -4.97
C SER B 48 23.57 8.36 -5.06
N LEU B 49 23.92 7.79 -3.91
CA LEU B 49 24.82 6.64 -3.88
C LEU B 49 24.23 5.45 -4.64
N PHE B 50 22.93 5.18 -4.45
CA PHE B 50 22.27 4.07 -5.16
C PHE B 50 22.30 4.28 -6.66
N ILE B 51 22.08 5.53 -7.13
CA ILE B 51 22.11 5.78 -8.57
C ILE B 51 23.51 5.55 -9.10
N LYS B 52 24.52 6.04 -8.39
CA LYS B 52 25.91 5.88 -8.80
C LYS B 52 26.28 4.39 -8.87
N ASN B 53 25.89 3.62 -7.85
CA ASN B 53 26.21 2.19 -7.83
C ASN B 53 25.46 1.41 -8.91
N ALA B 54 24.23 1.83 -9.23
CA ALA B 54 23.51 1.15 -10.29
C ALA B 54 24.23 1.26 -11.64
N LEU B 55 24.96 2.38 -11.86
CA LEU B 55 25.64 2.63 -13.12
C LEU B 55 27.05 2.04 -13.18
N HIS B 56 27.71 1.93 -12.02
CA HIS B 56 29.05 1.36 -11.88
C HIS B 56 30.01 1.81 -12.97
N PHE B 57 30.06 3.14 -13.18
CA PHE B 57 31.12 3.75 -13.97
C PHE B 57 32.42 3.77 -13.18
N SER B 58 33.52 3.95 -13.90
CA SER B 58 34.77 4.30 -13.28
C SER B 58 34.82 5.81 -13.08
N ASP B 59 35.30 6.22 -11.90
CA ASP B 59 35.44 7.63 -11.58
C ASP B 59 36.44 8.34 -12.49
N SER B 60 37.31 7.59 -13.17
CA SER B 60 38.22 8.21 -14.12
C SER B 60 37.50 8.74 -15.35
N PHE B 61 36.34 8.17 -15.67
CA PHE B 61 35.57 8.51 -16.87
C PHE B 61 34.30 9.28 -16.57
N VAL B 62 33.62 8.98 -15.47
CA VAL B 62 32.39 9.67 -15.10
C VAL B 62 32.55 10.21 -13.70
N GLU B 63 32.46 11.53 -13.58
CA GLU B 63 32.50 12.26 -12.32
C GLU B 63 31.07 12.48 -11.79
N TRP B 64 30.88 12.29 -10.49
CA TRP B 64 29.59 12.48 -9.85
C TRP B 64 29.69 13.62 -8.84
N GLU B 65 28.64 14.45 -8.79
CA GLU B 65 28.49 15.45 -7.75
C GLU B 65 27.01 15.62 -7.43
N THR B 66 26.69 15.64 -6.14
CA THR B 66 25.34 15.93 -5.67
C THR B 66 25.34 17.30 -5.01
N ILE B 67 24.37 18.16 -5.39
CA ILE B 67 24.13 19.42 -4.69
C ILE B 67 22.73 19.37 -4.09
N HIS B 68 22.53 20.17 -3.05
CA HIS B 68 21.38 20.05 -2.19
C HIS B 68 20.51 21.30 -2.26
N THR B 69 19.20 21.08 -2.32
CA THR B 69 18.24 22.17 -2.35
C THR B 69 17.08 21.85 -1.42
N ASP B 70 16.17 22.80 -1.30
CA ASP B 70 14.90 22.62 -0.61
C ASP B 70 13.86 22.20 -1.63
N GLY B 71 13.22 21.05 -1.38
CA GLY B 71 12.29 20.49 -2.37
C GLY B 71 11.09 21.36 -2.71
N ASN B 72 10.72 22.29 -1.82
CA ASN B 72 9.57 23.16 -2.07
C ASN B 72 9.95 24.62 -2.19
N ASP B 73 11.21 24.93 -2.50
CA ASP B 73 11.70 26.31 -2.58
C ASP B 73 12.23 26.55 -3.98
N ILE B 74 11.44 27.24 -4.81
CA ILE B 74 11.82 27.45 -6.20
C ILE B 74 13.00 28.41 -6.33
N SER B 75 13.09 29.43 -5.45
CA SER B 75 14.19 30.38 -5.55
C SER B 75 15.52 29.77 -5.13
N LYS B 76 15.50 28.89 -4.14
CA LYS B 76 16.71 28.25 -3.67
C LYS B 76 17.28 27.31 -4.73
N THR B 77 16.41 26.59 -5.44
CA THR B 77 16.88 25.69 -6.49
C THR B 77 17.46 26.46 -7.66
N GLU B 78 16.80 27.55 -8.07
CA GLU B 78 17.34 28.36 -9.15
C GLU B 78 18.65 29.02 -8.75
N ASN B 79 18.76 29.46 -7.48
CA ASN B 79 19.98 30.08 -6.97
C ASN B 79 21.15 29.10 -6.96
N ILE B 80 20.94 27.87 -6.46
CA ILE B 80 22.07 26.94 -6.41
C ILE B 80 22.47 26.51 -7.83
N LEU B 81 21.52 26.43 -8.77
CA LEU B 81 21.87 26.17 -10.16
C LEU B 81 22.61 27.35 -10.78
N THR B 82 22.18 28.58 -10.45
CA THR B 82 22.92 29.76 -10.90
C THR B 82 24.37 29.73 -10.43
N ASP B 83 24.57 29.43 -9.13
CA ASP B 83 25.92 29.37 -8.57
C ASP B 83 26.73 28.28 -9.23
N TYR B 84 26.14 27.08 -9.38
CA TYR B 84 26.88 25.95 -9.91
C TYR B 84 27.41 26.24 -11.32
N PHE B 85 26.59 26.87 -12.17
CA PHE B 85 26.94 27.06 -13.56
C PHE B 85 27.60 28.41 -13.85
N ARG B 86 27.86 29.21 -12.80
CA ARG B 86 28.51 30.50 -13.00
C ARG B 86 29.89 30.31 -13.61
N ASP B 87 30.15 31.00 -14.73
CA ASP B 87 31.43 30.93 -15.43
C ASP B 87 31.75 29.51 -15.90
N ASN B 88 30.73 28.72 -16.26
CA ASN B 88 31.01 27.34 -16.66
C ASN B 88 31.56 27.26 -18.08
N GLU B 89 32.22 26.12 -18.37
CA GLU B 89 32.82 25.87 -19.68
C GLU B 89 32.32 24.57 -20.31
N TYR B 90 31.13 24.08 -19.94
CA TYR B 90 30.63 22.85 -20.54
C TYR B 90 30.23 23.08 -21.99
N LYS B 91 30.55 22.10 -22.85
CA LYS B 91 30.09 22.19 -24.23
C LYS B 91 28.66 21.65 -24.40
N ASN B 92 28.23 20.71 -23.57
CA ASN B 92 26.89 20.14 -23.66
C ASN B 92 26.30 20.05 -22.26
N ILE B 93 25.12 20.61 -22.07
CA ILE B 93 24.40 20.48 -20.81
C ILE B 93 23.12 19.70 -21.11
N ILE B 94 22.99 18.53 -20.50
CA ILE B 94 21.87 17.63 -20.73
C ILE B 94 21.07 17.54 -19.43
N VAL B 95 19.80 17.95 -19.47
CA VAL B 95 18.98 18.07 -18.26
C VAL B 95 17.78 17.12 -18.36
N ASN B 96 17.61 16.30 -17.32
CA ASN B 96 16.48 15.39 -17.18
C ASN B 96 15.67 15.85 -15.97
N ILE B 97 14.50 16.44 -16.21
CA ILE B 97 13.69 17.03 -15.14
C ILE B 97 12.63 16.06 -14.62
N THR B 98 12.76 14.76 -14.93
CA THR B 98 11.74 13.79 -14.55
C THR B 98 11.63 13.66 -13.02
N GLY B 99 12.77 13.58 -12.33
CA GLY B 99 12.77 13.32 -10.90
C GLY B 99 12.59 14.57 -10.05
N GLY B 100 12.87 14.41 -8.77
CA GLY B 100 12.70 15.49 -7.81
C GLY B 100 11.23 15.79 -7.51
N THR B 101 11.04 16.84 -6.72
CA THR B 101 9.70 17.34 -6.51
C THR B 101 9.21 18.12 -7.72
N LYS B 102 7.92 18.41 -7.71
CA LYS B 102 7.30 19.33 -8.65
C LYS B 102 8.04 20.67 -8.71
N ILE B 103 8.31 21.28 -7.55
CA ILE B 103 8.98 22.57 -7.52
C ILE B 103 10.41 22.46 -8.05
N MET B 104 11.11 21.37 -7.72
CA MET B 104 12.46 21.17 -8.26
C MET B 104 12.44 21.10 -9.78
N SER B 105 11.50 20.32 -10.35
CA SER B 105 11.38 20.24 -11.80
C SER B 105 11.08 21.60 -12.43
N LEU B 106 10.17 22.37 -11.80
CA LEU B 106 9.82 23.70 -12.29
C LEU B 106 11.03 24.63 -12.29
N ALA B 107 11.76 24.67 -11.18
CA ALA B 107 12.93 25.53 -11.11
C ALA B 107 13.98 25.12 -12.13
N ALA B 108 14.22 23.81 -12.27
CA ALA B 108 15.21 23.37 -13.26
C ALA B 108 14.81 23.77 -14.66
N PHE B 109 13.53 23.57 -15.02
CA PHE B 109 13.10 23.91 -16.36
C PHE B 109 13.21 25.41 -16.61
N ASP B 110 12.78 26.21 -15.64
CA ASP B 110 12.86 27.65 -15.84
C ASP B 110 14.31 28.11 -15.93
N PHE B 111 15.22 27.47 -15.20
CA PHE B 111 16.62 27.87 -15.26
C PHE B 111 17.27 27.50 -16.60
N PHE B 112 17.00 26.30 -17.10
CA PHE B 112 17.69 25.79 -18.28
C PHE B 112 17.00 26.14 -19.58
N ASN B 113 15.72 26.52 -19.54
CA ASN B 113 15.01 26.84 -20.78
C ASN B 113 15.67 28.03 -21.48
N ASN B 114 15.78 27.93 -22.80
CA ASN B 114 16.32 28.97 -23.68
C ASN B 114 17.80 29.24 -23.44
N LYS B 115 18.52 28.28 -22.83
CA LYS B 115 19.95 28.45 -22.62
C LYS B 115 20.73 27.82 -23.78
N PRO B 116 21.90 28.36 -24.11
CA PRO B 116 22.72 27.77 -25.18
C PRO B 116 23.31 26.42 -24.78
N ASN B 117 23.54 25.57 -25.77
CA ASN B 117 24.19 24.27 -25.60
C ASN B 117 23.49 23.43 -24.53
N THR B 118 22.18 23.56 -24.46
CA THR B 118 21.39 22.93 -23.41
C THR B 118 20.27 22.13 -24.05
N GLU B 119 20.04 20.94 -23.53
CA GLU B 119 18.92 20.10 -23.93
C GLU B 119 18.21 19.63 -22.67
N ILE B 120 16.88 19.69 -22.70
CA ILE B 120 16.03 19.35 -21.56
C ILE B 120 15.12 18.20 -21.96
N PHE B 121 15.01 17.20 -21.09
CA PHE B 121 14.24 16.01 -21.36
C PHE B 121 13.27 15.76 -20.21
N TYR B 122 12.20 15.03 -20.50
CA TYR B 122 11.26 14.55 -19.50
C TYR B 122 10.81 13.14 -19.87
N GLN B 123 10.69 12.26 -18.88
CA GLN B 123 10.32 10.85 -19.08
C GLN B 123 9.04 10.49 -18.31
N PRO B 124 7.86 10.53 -18.96
CA PRO B 124 6.68 9.92 -18.33
C PRO B 124 6.85 8.41 -18.32
N ILE B 125 6.16 7.74 -17.38
CA ILE B 125 6.58 6.40 -16.95
C ILE B 125 6.64 5.43 -18.13
N GLY B 126 5.51 5.17 -18.76
CA GLY B 126 5.50 4.20 -19.83
C GLY B 126 5.72 4.83 -21.19
N LYS B 127 5.51 6.14 -21.29
CA LYS B 127 5.60 6.81 -22.57
C LYS B 127 7.06 6.95 -22.99
N GLU B 128 7.26 7.50 -24.19
CA GLU B 128 8.59 7.71 -24.71
C GLU B 128 9.31 8.82 -23.95
N LEU B 129 10.63 8.86 -24.10
CA LEU B 129 11.41 9.99 -23.61
C LEU B 129 11.14 11.20 -24.50
N GLN B 130 10.82 12.33 -23.88
CA GLN B 130 10.47 13.55 -24.58
C GLN B 130 11.59 14.57 -24.44
N GLU B 131 12.05 15.11 -25.58
CA GLU B 131 12.88 16.29 -25.56
C GLU B 131 11.96 17.50 -25.55
N LEU B 132 12.10 18.36 -24.53
CA LEU B 132 11.28 19.56 -24.42
C LEU B 132 11.93 20.77 -25.07
N TYR B 133 13.27 20.79 -25.15
CA TYR B 133 14.03 21.95 -25.61
C TYR B 133 15.40 21.47 -26.04
N PRO B 134 15.97 21.98 -27.14
CA PRO B 134 15.46 23.02 -28.03
C PRO B 134 14.55 22.48 -29.15
N ASN B 135 14.45 21.16 -29.26
CA ASN B 135 13.59 20.53 -30.27
C ASN B 135 12.55 19.69 -29.54
N LYS B 136 11.29 19.79 -29.94
CA LYS B 136 10.25 18.92 -29.39
C LYS B 136 10.23 17.63 -30.21
N GLN B 137 10.65 16.53 -29.61
CA GLN B 137 10.68 15.25 -30.29
C GLN B 137 10.78 14.15 -29.26
N LYS B 138 10.44 12.94 -29.67
CA LYS B 138 10.44 11.80 -28.76
C LYS B 138 11.47 10.79 -29.22
N TYR B 139 12.04 10.09 -28.25
CA TYR B 139 13.00 9.02 -28.47
C TYR B 139 12.50 7.78 -27.77
N ASP B 140 12.60 6.65 -28.46
CA ASP B 140 12.45 5.36 -27.79
C ASP B 140 13.56 5.22 -26.77
N MET B 141 13.17 5.06 -25.51
CA MET B 141 14.14 4.83 -24.45
C MET B 141 13.70 3.61 -23.68
N PHE B 142 14.44 2.52 -23.85
CA PHE B 142 14.41 1.44 -22.88
C PHE B 142 15.79 0.79 -22.82
N GLU B 143 16.49 1.05 -21.72
CA GLU B 143 17.72 0.34 -21.38
C GLU B 143 17.36 -0.81 -20.44
N VAL B 144 17.76 -2.02 -20.81
CA VAL B 144 17.51 -3.17 -19.95
C VAL B 144 18.50 -3.16 -18.80
N LEU B 145 18.02 -3.42 -17.60
CA LEU B 145 18.85 -3.50 -16.41
C LEU B 145 19.05 -4.96 -16.01
N SER B 146 20.25 -5.27 -15.55
CA SER B 146 20.46 -6.54 -14.87
C SER B 146 19.81 -6.50 -13.50
N LEU B 147 19.53 -7.69 -12.95
CA LEU B 147 18.94 -7.76 -11.62
C LEU B 147 19.83 -7.11 -10.59
N LYS B 148 21.15 -7.25 -10.76
CA LYS B 148 22.10 -6.62 -9.85
C LYS B 148 22.01 -5.10 -9.91
N GLU B 149 21.90 -4.54 -11.11
CA GLU B 149 21.76 -3.08 -11.23
C GLU B 149 20.48 -2.61 -10.55
N TYR B 150 19.37 -3.31 -10.79
CA TYR B 150 18.10 -2.93 -10.20
C TYR B 150 18.18 -2.90 -8.68
N LEU B 151 18.81 -3.91 -8.08
CA LEU B 151 18.85 -3.99 -6.63
C LEU B 151 19.87 -3.02 -6.04
N ASP B 152 21.02 -2.84 -6.71
CA ASP B 152 21.94 -1.78 -6.32
C ASP B 152 21.26 -0.42 -6.37
N ALA B 153 20.34 -0.22 -7.31
CA ALA B 153 19.60 1.05 -7.42
C ALA B 153 18.73 1.30 -6.20
N HIS B 154 18.48 0.27 -5.39
CA HIS B 154 17.75 0.40 -4.14
C HIS B 154 18.65 0.22 -2.93
N GLY B 155 19.96 0.11 -3.13
CA GLY B 155 20.88 -0.11 -2.03
C GLY B 155 20.80 -1.51 -1.44
N ILE B 156 20.40 -2.50 -2.23
CA ILE B 156 20.14 -3.84 -1.72
C ILE B 156 21.23 -4.77 -2.22
N SER B 157 21.91 -5.42 -1.29
CA SER B 157 22.78 -6.53 -1.65
C SER B 157 22.03 -7.85 -1.50
N TYR B 158 22.47 -8.87 -2.22
CA TYR B 158 21.74 -10.12 -2.20
C TYR B 158 22.65 -11.30 -2.44
N LYS B 159 22.23 -12.45 -1.93
CA LYS B 159 22.85 -13.73 -2.22
C LYS B 159 21.76 -14.67 -2.69
N TYR B 160 22.15 -15.70 -3.43
CA TYR B 160 21.18 -16.63 -4.00
C TYR B 160 21.87 -17.95 -4.27
N ASP B 161 21.06 -18.96 -4.55
CA ASP B 161 21.57 -20.31 -4.83
C ASP B 161 20.72 -20.89 -5.95
N ASN B 162 21.22 -20.79 -7.18
CA ASN B 162 20.53 -21.31 -8.36
C ASN B 162 20.91 -22.75 -8.68
N GLU B 163 21.58 -23.45 -7.77
CA GLU B 163 21.97 -24.83 -8.01
C GLU B 163 20.87 -25.74 -7.50
N CYS B 164 20.25 -26.47 -8.41
CA CYS B 164 19.07 -27.28 -8.13
C CYS B 164 19.48 -28.73 -7.85
N VAL B 165 18.73 -29.35 -6.93
CA VAL B 165 18.96 -30.77 -6.62
C VAL B 165 18.65 -31.64 -7.84
N LYS B 166 17.59 -31.32 -8.58
CA LYS B 166 17.18 -32.07 -9.75
C LYS B 166 17.09 -31.15 -10.97
N ASP B 167 17.21 -31.74 -12.16
CA ASP B 167 17.12 -30.90 -13.35
C ASP B 167 15.65 -30.71 -13.73
N TRP B 168 15.44 -29.91 -14.79
CA TRP B 168 14.10 -29.53 -15.20
C TRP B 168 13.27 -30.73 -15.67
N ASN B 169 13.90 -31.64 -16.41
CA ASN B 169 13.17 -32.81 -16.88
C ASN B 169 12.64 -33.62 -15.70
N TYR B 170 13.44 -33.75 -14.66
CA TYR B 170 12.98 -34.44 -13.46
C TYR B 170 11.86 -33.67 -12.78
N ASN B 171 12.08 -32.36 -12.53
CA ASN B 171 11.11 -31.58 -11.77
C ASN B 171 9.81 -31.38 -12.52
N LYS B 172 9.82 -31.51 -13.86
CA LYS B 172 8.59 -31.43 -14.64
C LYS B 172 7.59 -32.50 -14.26
N THR B 173 8.07 -33.68 -13.89
CA THR B 173 7.20 -34.81 -13.60
C THR B 173 7.30 -35.29 -12.15
N VAL B 174 8.10 -34.65 -11.31
CA VAL B 174 8.34 -35.20 -9.97
C VAL B 174 7.04 -35.23 -9.16
N TYR B 175 6.11 -34.31 -9.42
CA TYR B 175 4.89 -34.30 -8.63
C TYR B 175 4.07 -35.56 -8.91
N ASP B 176 3.76 -35.83 -10.18
CA ASP B 176 2.92 -36.98 -10.50
C ASP B 176 3.59 -38.29 -10.10
N LEU B 177 4.91 -38.38 -10.26
CA LEU B 177 5.58 -39.66 -10.10
C LEU B 177 6.13 -39.90 -8.70
N CYS B 178 6.30 -38.85 -7.89
CA CYS B 178 6.87 -39.07 -6.55
C CYS B 178 6.08 -38.43 -5.43
N VAL B 179 5.56 -37.22 -5.62
CA VAL B 179 4.98 -36.49 -4.50
C VAL B 179 3.53 -36.92 -4.25
N ALA B 180 2.74 -37.05 -5.32
CA ALA B 180 1.30 -37.20 -5.17
C ALA B 180 0.92 -38.44 -4.37
N ASP B 181 1.67 -39.53 -4.54
CA ASP B 181 1.31 -40.79 -3.93
C ASP B 181 2.00 -41.03 -2.58
N ASN B 182 2.82 -40.11 -2.11
CA ASN B 182 3.58 -40.32 -0.89
C ASN B 182 3.42 -39.16 0.08
N ARG B 183 2.24 -38.52 0.09
CA ARG B 183 2.04 -37.32 0.89
C ARG B 183 2.23 -37.63 2.38
N GLU B 184 1.86 -38.84 2.80
CA GLU B 184 1.98 -39.22 4.20
C GLU B 184 3.41 -39.57 4.57
N LEU B 185 4.17 -40.15 3.64
CA LEU B 185 5.60 -40.34 3.88
C LEU B 185 6.33 -39.00 3.95
N ILE B 186 5.93 -38.04 3.13
CA ILE B 186 6.61 -36.74 3.12
C ILE B 186 6.31 -35.96 4.39
N LYS B 187 5.10 -36.12 4.94
CA LYS B 187 4.77 -35.50 6.22
C LYS B 187 5.70 -35.99 7.33
N GLY B 188 6.07 -37.26 7.29
CA GLY B 188 7.05 -37.77 8.25
C GLY B 188 8.43 -37.17 8.05
N MET B 189 8.84 -36.97 6.80
CA MET B 189 10.13 -36.36 6.55
C MET B 189 10.14 -34.90 6.97
N ILE B 190 9.00 -34.22 6.87
CA ILE B 190 8.88 -32.84 7.34
C ILE B 190 9.14 -32.78 8.85
N ALA B 191 8.55 -33.71 9.60
CA ALA B 191 8.80 -33.75 11.04
C ALA B 191 10.25 -34.09 11.35
N LEU B 192 10.89 -34.91 10.52
CA LEU B 192 12.30 -35.23 10.73
C LEU B 192 13.18 -33.99 10.53
N GLN B 193 12.88 -33.18 9.52
CA GLN B 193 13.67 -31.98 9.29
C GLN B 193 13.59 -31.03 10.48
N ASN B 194 12.42 -30.96 11.12
CA ASN B 194 12.20 -30.05 12.22
C ASN B 194 12.64 -30.60 13.57
N ASN B 195 13.02 -31.87 13.64
CA ASN B 195 13.49 -32.42 14.91
C ASN B 195 14.88 -31.89 15.21
N SER B 196 15.13 -31.60 16.49
CA SER B 196 16.35 -30.87 16.86
C SER B 196 17.59 -31.74 16.73
N TYR B 197 17.46 -33.06 16.88
CA TYR B 197 18.60 -33.92 16.64
C TYR B 197 19.09 -33.77 15.21
N PHE B 198 18.22 -34.07 14.25
CA PHE B 198 18.59 -33.95 12.84
C PHE B 198 18.97 -32.52 12.48
N ASN B 199 18.23 -31.53 13.02
CA ASN B 199 18.53 -30.15 12.69
C ASN B 199 19.90 -29.72 13.23
N ASN B 200 20.25 -30.17 14.44
CA ASN B 200 21.53 -29.81 15.03
C ASN B 200 22.65 -30.75 14.62
N VAL B 201 22.35 -32.00 14.31
CA VAL B 201 23.44 -32.92 13.94
C VAL B 201 24.09 -32.45 12.65
N TYR B 202 23.35 -31.77 11.79
CA TYR B 202 23.95 -31.09 10.65
C TYR B 202 24.75 -29.93 11.24
N LYS B 203 26.08 -30.12 11.29
CA LYS B 203 26.99 -29.14 11.89
C LYS B 203 27.29 -27.94 10.99
N ARG B 204 27.13 -28.08 9.67
CA ARG B 204 27.24 -27.07 8.61
C ARG B 204 28.60 -27.07 7.91
N LYS B 205 29.61 -27.73 8.48
CA LYS B 205 30.91 -27.85 7.80
C LYS B 205 31.45 -29.26 7.98
N ASP B 206 31.53 -29.74 9.20
CA ASP B 206 31.58 -31.18 9.37
C ASP B 206 30.15 -31.66 9.49
N PHE B 207 29.94 -32.96 9.31
CA PHE B 207 28.59 -33.49 9.21
C PHE B 207 27.83 -32.72 8.13
N LEU B 208 28.36 -32.82 6.91
CA LEU B 208 27.75 -32.25 5.71
C LEU B 208 26.94 -33.29 4.95
N ASP B 209 27.23 -34.56 5.17
CA ASP B 209 26.49 -35.69 4.63
C ASP B 209 26.01 -36.55 5.78
N PHE B 210 25.10 -37.48 5.50
CA PHE B 210 24.54 -38.30 6.57
C PHE B 210 24.15 -39.66 6.04
N THR B 211 24.73 -40.70 6.63
CA THR B 211 24.40 -42.09 6.33
C THR B 211 23.15 -42.47 7.12
N GLN B 212 22.02 -42.64 6.44
CA GLN B 212 20.80 -43.00 7.15
C GLN B 212 20.82 -44.46 7.59
N ILE B 213 21.68 -45.28 7.00
CA ILE B 213 21.79 -46.67 7.43
C ILE B 213 22.41 -46.74 8.82
N GLU B 214 23.64 -46.25 8.96
CA GLU B 214 24.34 -46.25 10.24
C GLU B 214 23.72 -45.28 11.25
N GLU B 215 22.44 -45.46 11.57
CA GLU B 215 21.73 -44.56 12.48
C GLU B 215 20.60 -45.30 13.17
N GLU B 216 20.58 -45.24 14.50
CA GLU B 216 19.60 -45.97 15.29
C GLU B 216 18.19 -45.43 15.13
N LYS B 217 17.30 -45.83 16.05
CA LYS B 217 15.92 -45.36 16.04
C LYS B 217 15.76 -44.01 16.74
N PHE B 218 16.55 -43.01 16.31
CA PHE B 218 16.27 -41.63 16.65
C PHE B 218 14.98 -41.19 16.02
N ILE B 219 14.57 -41.91 15.02
CA ILE B 219 13.33 -41.65 14.38
C ILE B 219 12.22 -41.84 15.39
N ALA B 220 12.54 -42.19 16.63
CA ALA B 220 11.57 -42.40 17.69
C ALA B 220 10.87 -41.16 18.15
N ILE B 221 11.59 -40.04 18.22
CA ILE B 221 10.98 -38.79 18.65
C ILE B 221 10.30 -38.36 17.40
N ASN B 222 9.01 -38.64 17.36
CA ASN B 222 8.34 -38.44 16.13
C ASN B 222 6.87 -38.39 16.02
N HIS B 223 6.59 -38.16 14.76
CA HIS B 223 5.38 -38.15 14.06
C HIS B 223 5.27 -39.61 13.56
N PRO B 224 4.08 -40.20 13.53
CA PRO B 224 3.90 -41.61 13.17
C PRO B 224 4.58 -42.08 11.91
N ALA B 225 4.19 -41.57 10.74
CA ALA B 225 4.80 -41.99 9.47
C ALA B 225 6.32 -42.00 9.54
N ALA B 226 6.91 -41.22 10.43
CA ALA B 226 8.37 -41.05 10.50
C ALA B 226 8.98 -42.24 11.23
N THR B 227 9.14 -43.34 10.50
CA THR B 227 9.88 -44.50 10.96
C THR B 227 11.16 -44.61 10.15
N LYS B 228 12.20 -45.23 10.75
CA LYS B 228 13.50 -45.32 10.10
C LYS B 228 13.39 -45.80 8.66
N GLU B 229 12.73 -46.94 8.45
CA GLU B 229 12.68 -47.51 7.10
C GLU B 229 11.83 -46.66 6.17
N ASN B 230 10.74 -46.07 6.69
CA ASN B 230 9.92 -45.18 5.87
C ASN B 230 10.74 -44.02 5.35
N MET B 231 11.58 -43.44 6.22
CA MET B 231 12.46 -42.37 5.77
C MET B 231 13.49 -42.88 4.76
N ILE B 232 13.96 -44.12 4.94
CA ILE B 232 14.84 -44.73 3.93
C ILE B 232 14.08 -44.89 2.63
N LYS B 233 12.81 -45.30 2.69
CA LYS B 233 12.04 -45.53 1.48
C LYS B 233 11.80 -44.24 0.72
N ILE B 234 11.36 -43.18 1.41
CA ILE B 234 11.03 -41.94 0.71
C ILE B 234 12.28 -41.32 0.10
N LEU B 235 13.45 -41.52 0.72
CA LEU B 235 14.70 -41.03 0.15
C LEU B 235 15.06 -41.78 -1.12
N GLN B 236 14.78 -43.09 -1.16
CA GLN B 236 15.08 -43.86 -2.36
C GLN B 236 14.08 -43.57 -3.45
N ILE B 237 12.82 -43.28 -3.10
CA ILE B 237 11.83 -42.89 -4.09
C ILE B 237 12.31 -41.66 -4.86
N PHE B 238 12.91 -40.70 -4.17
CA PHE B 238 13.45 -39.50 -4.81
C PHE B 238 14.86 -39.72 -5.34
N GLY B 239 15.35 -40.96 -5.32
CA GLY B 239 16.61 -41.26 -5.96
C GLY B 239 17.84 -40.82 -5.22
N PHE B 240 17.79 -40.73 -3.89
CA PHE B 240 18.93 -40.25 -3.12
C PHE B 240 19.76 -41.41 -2.59
N ASP B 241 21.05 -41.14 -2.41
CA ASP B 241 21.99 -42.10 -1.84
C ASP B 241 21.80 -42.11 -0.33
N VAL B 242 21.18 -43.17 0.19
CA VAL B 242 20.85 -43.26 1.60
C VAL B 242 22.09 -43.19 2.49
N SER B 243 23.25 -43.60 1.96
CA SER B 243 24.48 -43.54 2.72
C SER B 243 25.11 -42.16 2.76
N ARG B 244 24.50 -41.15 2.11
CA ARG B 244 25.07 -39.81 2.05
C ARG B 244 23.96 -38.77 1.82
N ILE B 245 23.17 -38.51 2.85
CA ILE B 245 22.04 -37.60 2.75
C ILE B 245 22.48 -36.22 3.23
N GLU B 246 22.49 -35.25 2.32
CA GLU B 246 22.76 -33.87 2.67
C GLU B 246 21.46 -33.16 3.05
N HIS B 247 21.61 -32.05 3.78
CA HIS B 247 20.43 -31.32 4.22
C HIS B 247 19.65 -30.77 3.04
N LYS B 248 20.36 -30.33 1.99
CA LYS B 248 19.69 -29.89 0.77
C LYS B 248 18.79 -30.98 0.19
N HIS B 249 19.08 -32.26 0.48
CA HIS B 249 18.23 -33.36 -0.01
C HIS B 249 16.95 -33.46 0.79
N ILE B 250 17.04 -33.26 2.11
CA ILE B 250 15.84 -33.21 2.93
C ILE B 250 14.98 -32.02 2.55
N ARG B 251 15.60 -30.86 2.34
CA ARG B 251 14.84 -29.67 1.94
C ARG B 251 14.08 -29.92 0.63
N TYR B 252 14.73 -30.57 -0.33
CA TYR B 252 14.08 -30.85 -1.61
C TYR B 252 12.77 -31.61 -1.40
N ILE B 253 12.82 -32.69 -0.62
CA ILE B 253 11.64 -33.53 -0.46
C ILE B 253 10.52 -32.78 0.27
N THR B 254 10.86 -32.03 1.32
CA THR B 254 9.83 -31.37 2.11
C THR B 254 9.29 -30.11 1.44
N GLY B 255 9.67 -29.80 0.20
CA GLY B 255 9.12 -28.66 -0.48
C GLY B 255 10.05 -27.93 -1.43
N GLY B 256 11.36 -28.17 -1.30
CA GLY B 256 12.29 -27.57 -2.24
C GLY B 256 12.01 -27.95 -3.70
N TRP B 257 11.43 -29.14 -3.94
CA TRP B 257 11.15 -29.55 -5.31
C TRP B 257 10.25 -28.53 -6.01
N PHE B 258 9.28 -27.95 -5.29
CA PHE B 258 8.36 -27.03 -5.91
C PHE B 258 9.04 -25.71 -6.21
N GLU B 259 9.93 -25.26 -5.31
CA GLU B 259 10.74 -24.07 -5.58
C GLU B 259 11.58 -24.25 -6.83
N GLU B 260 12.29 -25.38 -6.93
CA GLU B 260 13.08 -25.64 -8.12
C GLU B 260 12.19 -25.69 -9.35
N TYR B 261 11.03 -26.33 -9.22
CA TYR B 261 10.09 -26.42 -10.33
C TYR B 261 9.69 -25.04 -10.83
N VAL B 262 9.33 -24.15 -9.92
CA VAL B 262 8.94 -22.80 -10.29
C VAL B 262 10.11 -22.07 -10.94
N TYR B 263 11.28 -22.09 -10.28
CA TYR B 263 12.46 -21.44 -10.85
C TYR B 263 12.77 -21.97 -12.24
N GLN B 264 12.80 -23.30 -12.41
CA GLN B 264 13.13 -23.87 -13.71
C GLN B 264 12.06 -23.60 -14.75
N LYS B 265 10.78 -23.57 -14.32
CA LYS B 265 9.70 -23.26 -15.26
C LYS B 265 9.85 -21.85 -15.81
N ILE B 266 10.26 -20.91 -14.96
CA ILE B 266 10.47 -19.54 -15.42
C ILE B 266 11.60 -19.50 -16.44
N CYS B 267 12.74 -20.10 -16.10
CA CYS B 267 13.90 -20.08 -16.97
C CYS B 267 13.68 -20.81 -18.29
N ASN B 268 12.74 -21.77 -18.33
CA ASN B 268 12.55 -22.56 -19.54
C ASN B 268 11.34 -22.14 -20.36
N GLU B 269 10.36 -21.46 -19.78
CA GLU B 269 9.12 -21.22 -20.50
C GLU B 269 8.73 -19.74 -20.57
N TYR B 270 9.12 -18.95 -19.58
CA TYR B 270 8.67 -17.55 -19.53
C TYR B 270 9.46 -16.73 -20.54
N HIS B 271 8.74 -16.08 -21.45
CA HIS B 271 9.39 -15.47 -22.60
C HIS B 271 9.78 -14.03 -22.37
N ASN B 272 9.04 -13.32 -21.51
CA ASN B 272 9.38 -11.95 -21.14
C ASN B 272 10.46 -11.88 -20.07
N VAL B 273 11.19 -12.98 -19.83
CA VAL B 273 12.18 -13.03 -18.77
C VAL B 273 13.47 -13.63 -19.31
N ASP B 274 14.60 -12.98 -19.02
CA ASP B 274 15.92 -13.52 -19.30
C ASP B 274 16.37 -14.32 -18.08
N GLU B 275 16.87 -15.54 -18.33
CA GLU B 275 17.21 -16.44 -17.24
C GLU B 275 18.31 -15.87 -16.35
N LYS B 276 19.19 -15.02 -16.90
CA LYS B 276 20.23 -14.38 -16.11
C LYS B 276 19.69 -13.41 -15.08
N ASN B 277 18.41 -13.04 -15.17
CA ASN B 277 17.79 -12.14 -14.22
C ASN B 277 16.82 -12.87 -13.29
N VAL B 278 16.96 -14.19 -13.17
CA VAL B 278 16.14 -15.01 -12.28
C VAL B 278 17.02 -15.58 -11.20
N ALA B 279 16.53 -15.56 -9.96
CA ALA B 279 17.32 -16.04 -8.85
C ALA B 279 16.46 -16.85 -7.88
N LEU B 280 17.05 -17.91 -7.33
CA LEU B 280 16.38 -18.85 -6.47
C LEU B 280 17.02 -18.84 -5.10
N ASN B 281 16.20 -19.02 -4.06
CA ASN B 281 16.66 -19.06 -2.68
C ASN B 281 17.49 -17.81 -2.37
N VAL B 282 16.82 -16.67 -2.45
CA VAL B 282 17.45 -15.36 -2.41
C VAL B 282 17.45 -14.82 -0.99
N THR B 283 18.58 -14.30 -0.54
CA THR B 283 18.64 -13.50 0.67
C THR B 283 18.98 -12.07 0.29
N ILE B 284 18.09 -11.14 0.62
CA ILE B 284 18.34 -9.73 0.34
C ILE B 284 18.74 -9.05 1.64
N GLN B 285 19.60 -8.05 1.54
CA GLN B 285 20.06 -7.34 2.72
C GLN B 285 20.17 -5.85 2.43
N LYS B 286 19.68 -5.03 3.38
CA LYS B 286 19.84 -3.59 3.31
C LYS B 286 20.03 -3.10 4.74
N GLY B 287 21.21 -2.57 5.04
CA GLY B 287 21.53 -2.19 6.40
C GLY B 287 21.58 -3.40 7.30
N ASN B 288 20.79 -3.38 8.38
CA ASN B 288 20.70 -4.52 9.28
C ASN B 288 19.42 -5.32 9.06
N ASP B 289 18.80 -5.18 7.89
CA ASP B 289 17.64 -5.98 7.55
C ASP B 289 18.04 -7.01 6.52
N LYS B 290 17.72 -8.27 6.82
CA LYS B 290 17.95 -9.39 5.93
C LYS B 290 16.65 -10.18 5.84
N ASN B 291 16.39 -10.71 4.65
CA ASN B 291 15.18 -11.50 4.45
C ASN B 291 15.40 -12.44 3.29
N GLU B 292 14.55 -13.45 3.19
CA GLU B 292 14.68 -14.51 2.22
C GLU B 292 13.48 -14.51 1.28
N LEU B 293 13.75 -14.70 0.00
CA LEU B 293 12.71 -14.81 -1.02
C LEU B 293 12.89 -16.11 -1.75
N ASP B 294 11.77 -16.78 -2.06
CA ASP B 294 11.82 -18.06 -2.76
C ASP B 294 12.39 -17.89 -4.16
N VAL B 295 11.67 -17.15 -5.00
CA VAL B 295 12.10 -16.88 -6.37
C VAL B 295 11.81 -15.42 -6.67
N ILE B 296 12.79 -14.76 -7.31
CA ILE B 296 12.59 -13.41 -7.82
C ILE B 296 13.10 -13.39 -9.24
N TYR B 297 12.55 -12.47 -10.04
CA TYR B 297 13.09 -12.23 -11.37
C TYR B 297 12.72 -10.83 -11.83
N LEU B 298 13.60 -10.23 -12.62
CA LEU B 298 13.37 -8.94 -13.23
C LEU B 298 13.02 -9.17 -14.69
N ASP B 299 11.80 -8.79 -15.09
CA ASP B 299 11.44 -9.10 -16.47
C ASP B 299 12.09 -8.10 -17.43
N LYS B 300 11.87 -8.31 -18.71
CA LYS B 300 12.49 -7.49 -19.75
C LYS B 300 11.84 -6.12 -19.86
N ASP B 301 10.88 -5.81 -18.99
CA ASP B 301 10.35 -4.47 -18.81
C ASP B 301 10.91 -3.80 -17.56
N ASN B 302 11.98 -4.35 -17.00
CA ASN B 302 12.59 -3.87 -15.75
C ASN B 302 11.60 -3.85 -14.59
N LYS B 303 10.67 -4.79 -14.55
CA LYS B 303 9.76 -4.91 -13.40
C LYS B 303 10.13 -6.14 -12.59
N LEU B 304 10.20 -5.98 -11.28
CA LEU B 304 10.68 -7.04 -10.40
C LEU B 304 9.50 -7.87 -9.90
N HIS B 305 9.62 -9.18 -10.09
CA HIS B 305 8.62 -10.13 -9.63
C HIS B 305 9.17 -10.91 -8.44
N VAL B 306 8.34 -11.11 -7.44
CA VAL B 306 8.66 -11.89 -6.26
C VAL B 306 7.61 -12.98 -6.12
N ILE B 307 8.06 -14.22 -5.93
CA ILE B 307 7.17 -15.36 -5.85
C ILE B 307 7.31 -16.03 -4.49
N GLU B 308 6.19 -16.26 -3.81
CA GLU B 308 6.14 -17.16 -2.67
C GLU B 308 5.73 -18.55 -3.16
N CYS B 309 6.60 -19.53 -2.97
CA CYS B 309 6.31 -20.91 -3.36
C CYS B 309 5.85 -21.67 -2.13
N LYS B 310 4.58 -22.05 -2.11
CA LYS B 310 4.01 -22.90 -1.07
C LYS B 310 3.42 -24.11 -1.75
N SER B 311 4.14 -25.23 -1.71
CA SER B 311 3.73 -26.42 -2.45
C SER B 311 2.27 -26.77 -2.17
N PHE B 312 1.90 -26.82 -0.89
CA PHE B 312 0.55 -27.18 -0.48
C PHE B 312 0.04 -26.21 0.57
N VAL B 313 -1.24 -25.85 0.47
CA VAL B 313 -1.94 -25.10 1.51
C VAL B 313 -3.14 -25.92 1.95
N ASP B 314 -3.19 -26.27 3.24
CA ASP B 314 -4.16 -27.25 3.72
C ASP B 314 -5.50 -26.64 4.11
N GLY B 315 -5.81 -25.44 3.65
CA GLY B 315 -7.17 -24.92 3.82
C GLY B 315 -7.52 -24.32 5.16
N ASN B 316 -7.14 -24.99 6.26
CA ASN B 316 -7.34 -24.41 7.58
C ASN B 316 -6.38 -23.27 7.85
N GLU B 317 -5.20 -23.28 7.21
CA GLU B 317 -4.21 -22.22 7.36
C GLU B 317 -4.26 -21.18 6.24
N GLY B 318 -5.41 -21.05 5.56
CA GLY B 318 -5.50 -20.07 4.49
C GLY B 318 -5.24 -18.66 4.98
N ASN B 319 -5.80 -18.31 6.15
CA ASN B 319 -5.61 -16.97 6.70
C ASN B 319 -4.15 -16.73 7.05
N ARG B 320 -3.48 -17.74 7.60
CA ARG B 320 -2.09 -17.58 8.01
C ARG B 320 -1.18 -17.43 6.80
N VAL B 321 -1.43 -18.22 5.75
CA VAL B 321 -0.63 -18.13 4.53
C VAL B 321 -0.79 -16.77 3.88
N LEU B 322 -2.03 -16.28 3.79
CA LEU B 322 -2.26 -14.94 3.23
C LEU B 322 -1.58 -13.87 4.07
N ASN B 323 -1.69 -13.97 5.40
CA ASN B 323 -1.06 -12.98 6.28
C ASN B 323 0.45 -12.96 6.10
N ASP B 324 1.06 -14.14 6.10
CA ASP B 324 2.51 -14.23 5.88
C ASP B 324 2.91 -13.62 4.55
N ALA B 325 2.12 -13.88 3.49
CA ALA B 325 2.46 -13.34 2.18
C ALA B 325 2.32 -11.82 2.16
N LEU B 326 1.21 -11.30 2.70
CA LEU B 326 1.03 -9.85 2.79
C LEU B 326 2.12 -9.22 3.64
N TYR B 327 2.51 -9.89 4.72
CA TYR B 327 3.57 -9.35 5.58
C TYR B 327 4.90 -9.33 4.86
N LYS B 328 5.22 -10.39 4.11
CA LYS B 328 6.48 -10.38 3.37
C LYS B 328 6.49 -9.29 2.30
N LEU B 329 5.37 -9.06 1.62
CA LEU B 329 5.40 -8.06 0.55
C LEU B 329 5.43 -6.64 1.09
N GLN B 330 4.47 -6.29 1.96
CA GLN B 330 4.27 -4.90 2.31
C GLN B 330 5.16 -4.47 3.47
N ALA B 331 5.13 -5.20 4.58
CA ALA B 331 5.89 -4.77 5.74
C ALA B 331 7.39 -4.90 5.50
N ILE B 332 7.79 -5.93 4.77
CA ILE B 332 9.22 -6.22 4.62
C ILE B 332 9.72 -5.60 3.32
N ILE B 333 9.28 -6.16 2.19
CA ILE B 333 9.84 -5.79 0.89
C ILE B 333 9.57 -4.31 0.59
N LYS B 334 8.38 -3.82 0.96
CA LYS B 334 8.04 -2.43 0.66
C LYS B 334 8.60 -1.47 1.71
N SER B 335 8.22 -1.67 2.97
CA SER B 335 8.50 -0.68 3.99
C SER B 335 9.96 -0.67 4.44
N LYS B 336 10.62 -1.83 4.49
CA LYS B 336 12.01 -1.83 4.94
C LYS B 336 13.01 -1.86 3.79
N PHE B 337 12.63 -2.34 2.61
CA PHE B 337 13.55 -2.44 1.49
C PHE B 337 13.28 -1.44 0.38
N GLY B 338 12.13 -0.79 0.36
CA GLY B 338 11.85 0.22 -0.64
C GLY B 338 11.63 -0.34 -2.03
N LEU B 339 11.18 -1.59 -2.11
CA LEU B 339 10.98 -2.27 -3.39
C LEU B 339 9.51 -2.26 -3.77
N TYR B 340 9.22 -1.83 -4.99
CA TYR B 340 7.88 -1.88 -5.56
C TYR B 340 7.91 -3.00 -6.60
N VAL B 341 7.29 -4.13 -6.25
CA VAL B 341 7.44 -5.36 -7.02
C VAL B 341 6.06 -5.85 -7.43
N LYS B 342 6.06 -6.84 -8.33
CA LYS B 342 4.88 -7.65 -8.63
C LYS B 342 4.94 -8.91 -7.77
N GLN B 343 3.86 -9.17 -7.05
CA GLN B 343 3.77 -10.22 -6.04
C GLN B 343 3.03 -11.44 -6.59
N HIS B 344 3.58 -12.63 -6.35
CA HIS B 344 2.93 -13.88 -6.77
C HIS B 344 2.94 -14.92 -5.65
N LEU B 345 1.89 -15.74 -5.63
CA LEU B 345 1.81 -16.93 -4.80
C LEU B 345 1.54 -18.14 -5.68
N TYR B 346 2.47 -19.08 -5.71
CA TYR B 346 2.37 -20.32 -6.47
C TYR B 346 2.09 -21.46 -5.52
N THR B 347 1.15 -22.32 -5.89
CA THR B 347 0.85 -23.49 -5.07
C THR B 347 0.34 -24.59 -5.97
N LYS B 348 0.61 -25.83 -5.56
CA LYS B 348 0.00 -26.97 -6.22
C LYS B 348 -1.42 -27.22 -5.73
N SER B 349 -1.81 -26.63 -4.59
CA SER B 349 -3.19 -26.77 -4.12
C SER B 349 -4.17 -26.02 -5.02
N ILE B 350 -5.44 -26.38 -4.89
CA ILE B 350 -6.54 -25.78 -5.65
C ILE B 350 -7.19 -24.72 -4.79
N ILE B 351 -7.16 -23.47 -5.24
CA ILE B 351 -7.71 -22.36 -4.46
C ILE B 351 -9.19 -22.17 -4.80
N GLU B 352 -10.06 -22.47 -3.85
CA GLU B 352 -11.50 -22.30 -4.01
C GLU B 352 -11.88 -20.83 -3.90
N LYS B 353 -13.06 -20.50 -4.43
CA LYS B 353 -13.49 -19.10 -4.46
C LYS B 353 -13.99 -18.59 -3.11
N GLU B 354 -14.37 -19.48 -2.18
CA GLU B 354 -14.91 -19.02 -0.91
C GLU B 354 -13.90 -19.16 0.23
N THR B 355 -12.62 -19.21 -0.09
CA THR B 355 -11.55 -19.28 0.89
C THR B 355 -10.89 -17.92 1.07
N PRO B 356 -10.25 -17.67 2.22
CA PRO B 356 -9.56 -16.39 2.39
C PRO B 356 -8.48 -16.14 1.36
N LEU B 357 -7.79 -17.20 0.93
CA LEU B 357 -6.72 -17.05 -0.06
C LEU B 357 -7.22 -16.48 -1.37
N ASN B 358 -8.50 -16.66 -1.69
CA ASN B 358 -9.02 -16.07 -2.92
C ASN B 358 -9.03 -14.54 -2.86
N ARG B 359 -8.96 -13.95 -1.67
CA ARG B 359 -8.85 -12.50 -1.54
C ARG B 359 -7.50 -11.97 -2.00
N ALA B 360 -6.49 -12.84 -2.19
CA ALA B 360 -5.14 -12.35 -2.47
C ALA B 360 -5.11 -11.48 -3.71
N LYS B 361 -5.96 -11.77 -4.69
CA LYS B 361 -5.99 -10.97 -5.91
C LYS B 361 -6.42 -9.53 -5.64
N GLU B 362 -7.25 -9.32 -4.61
CA GLU B 362 -7.68 -7.96 -4.27
C GLU B 362 -6.58 -7.19 -3.54
N PHE B 363 -5.56 -7.85 -3.04
CA PHE B 363 -4.38 -7.17 -2.51
C PHE B 363 -3.31 -6.96 -3.57
N GLY B 364 -3.57 -7.33 -4.81
CA GLY B 364 -2.57 -7.24 -5.85
C GLY B 364 -1.69 -8.46 -5.99
N ILE B 365 -1.99 -9.54 -5.28
CA ILE B 365 -1.17 -10.75 -5.33
C ILE B 365 -1.75 -11.68 -6.39
N ASP B 366 -0.92 -12.04 -7.37
CA ASP B 366 -1.30 -12.98 -8.39
C ASP B 366 -1.15 -14.40 -7.85
N ILE B 367 -2.21 -15.18 -7.90
CA ILE B 367 -2.17 -16.57 -7.44
C ILE B 367 -2.15 -17.48 -8.67
N LYS B 368 -1.19 -18.40 -8.71
CA LYS B 368 -1.17 -19.50 -9.66
C LYS B 368 -1.31 -20.79 -8.86
N ASP B 369 -2.51 -21.37 -8.89
CA ASP B 369 -2.79 -22.57 -8.12
C ASP B 369 -2.61 -23.82 -9.00
N GLY B 370 -3.05 -24.97 -8.47
CA GLY B 370 -2.88 -26.22 -9.20
C GLY B 370 -3.48 -26.20 -10.59
N THR B 371 -4.58 -25.47 -10.78
CA THR B 371 -5.22 -25.38 -12.09
C THR B 371 -4.41 -24.61 -13.11
N GLN B 372 -3.26 -24.06 -12.73
CA GLN B 372 -2.37 -23.41 -13.67
C GLN B 372 -0.97 -23.99 -13.70
N LEU B 373 -0.66 -24.93 -12.81
CA LEU B 373 0.69 -25.47 -12.67
C LEU B 373 0.70 -26.99 -12.81
N LYS C 2 -18.17 37.30 -14.18
CA LYS C 2 -17.28 37.19 -13.02
C LYS C 2 -15.94 37.87 -13.27
N GLU C 3 -15.52 38.71 -12.33
CA GLU C 3 -14.26 39.45 -12.43
C GLU C 3 -13.09 38.71 -11.79
N THR C 4 -13.36 37.69 -10.98
CA THR C 4 -12.32 36.91 -10.32
C THR C 4 -12.39 35.47 -10.84
N ILE C 5 -11.27 34.92 -11.25
CA ILE C 5 -11.23 33.52 -11.64
C ILE C 5 -10.17 32.81 -10.82
N LEU C 6 -10.48 31.60 -10.36
CA LEU C 6 -9.53 30.72 -9.68
C LEU C 6 -9.21 29.55 -10.60
N VAL C 7 -7.92 29.31 -10.82
CA VAL C 7 -7.45 28.21 -11.67
C VAL C 7 -6.83 27.16 -10.76
N ASN C 8 -7.29 25.93 -10.87
CA ASN C 8 -6.74 24.81 -10.11
C ASN C 8 -6.47 23.67 -11.08
N LEU C 9 -5.45 22.89 -10.76
CA LEU C 9 -5.06 21.71 -11.54
C LEU C 9 -5.57 20.48 -10.84
N VAL C 10 -6.16 19.55 -11.58
CA VAL C 10 -6.86 18.42 -11.01
C VAL C 10 -5.95 17.19 -11.01
N SER C 11 -5.84 16.56 -9.86
CA SER C 11 -5.13 15.28 -9.74
C SER C 11 -5.96 14.38 -8.82
N GLU C 12 -5.38 13.26 -8.42
CA GLU C 12 -6.13 12.24 -7.69
C GLU C 12 -6.65 12.74 -6.34
N GLN C 13 -5.87 13.57 -5.67
CA GLN C 13 -6.22 14.03 -4.33
C GLN C 13 -6.92 15.38 -4.45
N THR C 14 -8.21 15.40 -4.10
CA THR C 14 -9.05 16.57 -4.26
C THR C 14 -8.98 17.54 -3.09
N ILE C 15 -8.70 17.04 -1.88
CA ILE C 15 -8.75 17.84 -0.66
C ILE C 15 -7.90 19.11 -0.75
N PRO C 16 -6.67 19.06 -1.30
CA PRO C 16 -5.90 20.31 -1.42
C PRO C 16 -6.59 21.36 -2.28
N ASN C 17 -7.26 20.98 -3.37
CA ASN C 17 -7.97 21.96 -4.17
C ASN C 17 -9.18 22.51 -3.42
N VAL C 18 -9.90 21.63 -2.70
CA VAL C 18 -11.03 22.05 -1.88
C VAL C 18 -10.59 23.05 -0.81
N GLN C 19 -9.47 22.73 -0.14
CA GLN C 19 -8.97 23.63 0.90
C GLN C 19 -8.61 24.99 0.33
N PHE C 20 -7.92 25.02 -0.82
CA PHE C 20 -7.52 26.30 -1.40
C PHE C 20 -8.73 27.13 -1.80
N ILE C 21 -9.72 26.52 -2.44
CA ILE C 21 -10.89 27.28 -2.87
C ILE C 21 -11.66 27.79 -1.65
N LYS C 22 -11.81 26.94 -0.63
CA LYS C 22 -12.44 27.38 0.62
C LYS C 22 -11.66 28.53 1.25
N TRP C 23 -10.33 28.43 1.26
CA TRP C 23 -9.51 29.49 1.84
C TRP C 23 -9.73 30.84 1.16
N TYR C 24 -9.72 30.85 -0.18
CA TYR C 24 -9.82 32.12 -0.90
C TYR C 24 -11.22 32.72 -0.76
N PHE C 25 -12.26 31.91 -0.96
CA PHE C 25 -13.61 32.44 -0.91
C PHE C 25 -13.94 33.00 0.47
N ASN C 26 -13.60 32.25 1.53
CA ASN C 26 -13.89 32.73 2.88
C ASN C 26 -13.16 34.02 3.19
N LYS C 27 -12.08 34.31 2.48
CA LYS C 27 -11.33 35.54 2.69
C LYS C 27 -11.87 36.69 1.85
N LYS C 28 -12.38 36.40 0.66
CA LYS C 28 -12.83 37.42 -0.28
C LYS C 28 -14.35 37.55 -0.37
N GLN C 29 -15.08 36.44 -0.23
CA GLN C 29 -16.55 36.44 -0.24
C GLN C 29 -17.12 37.28 -1.39
N THR C 30 -16.79 36.85 -2.61
CA THR C 30 -17.21 37.54 -3.81
C THR C 30 -17.62 36.49 -4.84
N PRO C 31 -18.48 36.84 -5.80
CA PRO C 31 -18.72 35.93 -6.93
C PRO C 31 -17.42 35.67 -7.68
N MET C 32 -17.32 34.47 -8.25
CA MET C 32 -16.09 34.12 -8.94
C MET C 32 -16.36 32.95 -9.87
N LYS C 33 -15.40 32.72 -10.76
CA LYS C 33 -15.38 31.54 -11.60
C LYS C 33 -14.25 30.65 -11.14
N ILE C 34 -14.47 29.35 -11.20
CA ILE C 34 -13.44 28.37 -10.88
C ILE C 34 -13.12 27.64 -12.18
N LEU C 35 -11.85 27.67 -12.57
CA LEU C 35 -11.39 26.93 -13.76
C LEU C 35 -10.59 25.73 -13.29
N LEU C 36 -11.07 24.54 -13.62
CA LEU C 36 -10.39 23.29 -13.28
C LEU C 36 -9.67 22.78 -14.52
N VAL C 37 -8.36 22.60 -14.43
CA VAL C 37 -7.56 22.07 -15.54
C VAL C 37 -7.33 20.59 -15.25
N SER C 38 -7.90 19.72 -16.09
CA SER C 38 -7.96 18.31 -15.78
C SER C 38 -7.50 17.46 -16.97
N THR C 39 -7.66 16.15 -16.87
CA THR C 39 -7.23 15.22 -17.91
C THR C 39 -8.31 14.17 -18.07
N LYS C 40 -8.12 13.30 -19.04
CA LYS C 40 -9.09 12.25 -19.27
C LYS C 40 -9.15 11.30 -18.12
N GLU C 41 -8.01 11.02 -17.54
CA GLU C 41 -7.92 10.12 -16.43
C GLU C 41 -8.64 10.62 -15.20
N MET C 42 -8.50 11.89 -14.87
CA MET C 42 -9.18 12.42 -13.69
C MET C 42 -10.67 12.57 -13.95
N GLU C 43 -11.06 12.92 -15.17
CA GLU C 43 -12.47 13.11 -15.40
C GLU C 43 -13.20 11.77 -15.54
N GLN C 44 -12.50 10.73 -15.99
CA GLN C 44 -13.05 9.38 -15.85
C GLN C 44 -13.38 9.06 -14.40
N LYS C 45 -12.60 9.60 -13.45
CA LYS C 45 -12.90 9.47 -12.04
C LYS C 45 -13.83 10.54 -11.49
N GLU C 46 -14.32 11.45 -12.33
CA GLU C 46 -15.27 12.51 -11.92
C GLU C 46 -14.69 13.40 -10.82
N LYS C 47 -13.39 13.68 -10.92
CA LYS C 47 -12.74 14.47 -9.88
C LYS C 47 -13.27 15.89 -9.83
N SER C 48 -13.53 16.50 -11.01
CA SER C 48 -14.07 17.87 -11.03
C SER C 48 -15.43 17.94 -10.33
N LEU C 49 -16.29 16.96 -10.58
CA LEU C 49 -17.59 16.90 -9.91
C LEU C 49 -17.43 16.80 -8.40
N PHE C 50 -16.49 15.94 -7.94
CA PHE C 50 -16.30 15.79 -6.50
C PHE C 50 -15.87 17.10 -5.85
N ILE C 51 -14.96 17.84 -6.50
CA ILE C 51 -14.48 19.10 -5.92
C ILE C 51 -15.63 20.09 -5.82
N LYS C 52 -16.43 20.20 -6.89
CA LYS C 52 -17.57 21.11 -6.89
C LYS C 52 -18.56 20.75 -5.78
N ASN C 53 -18.87 19.46 -5.61
CA ASN C 53 -19.81 19.04 -4.59
C ASN C 53 -19.26 19.28 -3.19
N ALA C 54 -17.95 19.19 -3.01
CA ALA C 54 -17.38 19.47 -1.70
C ALA C 54 -17.61 20.91 -1.28
N LEU C 55 -17.64 21.85 -2.23
CA LEU C 55 -17.75 23.28 -1.91
C LEU C 55 -19.19 23.75 -1.74
N HIS C 56 -20.13 23.07 -2.42
CA HIS C 56 -21.57 23.35 -2.37
C HIS C 56 -21.86 24.85 -2.42
N PHE C 57 -21.23 25.51 -3.39
CA PHE C 57 -21.64 26.86 -3.76
C PHE C 57 -22.96 26.82 -4.54
N SER C 58 -23.60 27.97 -4.60
CA SER C 58 -24.68 28.16 -5.56
C SER C 58 -24.09 28.57 -6.90
N ASP C 59 -24.62 27.99 -7.98
CA ASP C 59 -24.20 28.33 -9.33
C ASP C 59 -24.47 29.78 -9.67
N SER C 60 -25.36 30.43 -8.90
CA SER C 60 -25.62 31.86 -9.11
C SER C 60 -24.45 32.71 -8.67
N PHE C 61 -23.64 32.20 -7.75
CA PHE C 61 -22.51 32.95 -7.19
C PHE C 61 -21.16 32.43 -7.66
N VAL C 62 -20.99 31.13 -7.84
CA VAL C 62 -19.73 30.54 -8.27
C VAL C 62 -20.01 29.72 -9.51
N GLU C 63 -19.36 30.09 -10.60
CA GLU C 63 -19.40 29.41 -11.89
C GLU C 63 -18.24 28.43 -11.98
N TRP C 64 -18.50 27.22 -12.49
CA TRP C 64 -17.48 26.20 -12.64
C TRP C 64 -17.27 25.83 -14.10
N GLU C 65 -16.01 25.62 -14.48
CA GLU C 65 -15.71 25.08 -15.81
C GLU C 65 -14.48 24.20 -15.71
N THR C 66 -14.53 23.04 -16.34
CA THR C 66 -13.38 22.15 -16.48
C THR C 66 -12.93 22.18 -17.93
N ILE C 67 -11.61 22.35 -18.14
CA ILE C 67 -11.01 22.21 -19.46
C ILE C 67 -10.00 21.07 -19.40
N HIS C 68 -9.71 20.47 -20.55
CA HIS C 68 -9.02 19.19 -20.60
C HIS C 68 -7.68 19.32 -21.30
N THR C 69 -6.68 18.68 -20.72
CA THR C 69 -5.36 18.70 -21.33
C THR C 69 -4.76 17.30 -21.31
N ASP C 70 -3.62 17.17 -21.96
CA ASP C 70 -2.77 15.99 -21.91
C ASP C 70 -1.79 16.18 -20.75
N GLY C 71 -1.81 15.24 -19.80
CA GLY C 71 -1.04 15.39 -18.57
C GLY C 71 0.47 15.47 -18.75
N ASN C 72 1.00 14.95 -19.86
CA ASN C 72 2.44 14.96 -20.11
C ASN C 72 2.80 15.81 -21.31
N ASP C 73 1.95 16.76 -21.70
CA ASP C 73 2.18 17.58 -22.87
C ASP C 73 2.22 19.04 -22.45
N ILE C 74 3.44 19.61 -22.38
CA ILE C 74 3.59 20.99 -21.94
C ILE C 74 3.02 21.96 -22.96
N SER C 75 3.14 21.64 -24.26
CA SER C 75 2.64 22.56 -25.29
C SER C 75 1.12 22.57 -25.34
N LYS C 76 0.47 21.42 -25.13
CA LYS C 76 -0.98 21.39 -25.16
C LYS C 76 -1.58 22.15 -23.99
N THR C 77 -0.97 22.03 -22.80
CA THR C 77 -1.50 22.76 -21.66
C THR C 77 -1.33 24.25 -21.83
N GLU C 78 -0.17 24.69 -22.32
CA GLU C 78 0.01 26.12 -22.53
C GLU C 78 -0.90 26.63 -23.64
N ASN C 79 -1.13 25.81 -24.67
CA ASN C 79 -2.03 26.20 -25.76
C ASN C 79 -3.47 26.35 -25.26
N ILE C 80 -3.97 25.40 -24.47
CA ILE C 80 -5.37 25.54 -24.04
C ILE C 80 -5.51 26.69 -23.04
N LEU C 81 -4.49 26.98 -22.22
CA LEU C 81 -4.58 28.15 -21.35
C LEU C 81 -4.55 29.43 -22.17
N THR C 82 -3.68 29.49 -23.19
CA THR C 82 -3.66 30.64 -24.09
C THR C 82 -5.02 30.88 -24.73
N ASP C 83 -5.65 29.83 -25.23
CA ASP C 83 -6.97 29.96 -25.84
C ASP C 83 -8.01 30.41 -24.83
N TYR C 84 -8.00 29.80 -23.63
CA TYR C 84 -9.00 30.15 -22.64
C TYR C 84 -8.92 31.63 -22.25
N PHE C 85 -7.71 32.15 -22.08
CA PHE C 85 -7.54 33.51 -21.56
C PHE C 85 -7.38 34.56 -22.65
N ARG C 86 -7.49 34.19 -23.93
CA ARG C 86 -7.39 35.16 -25.00
C ARG C 86 -8.45 36.25 -24.85
N ASP C 87 -8.00 37.51 -24.86
CA ASP C 87 -8.90 38.66 -24.72
C ASP C 87 -9.70 38.63 -23.42
N ASN C 88 -9.12 38.07 -22.35
CA ASN C 88 -9.85 38.03 -21.10
C ASN C 88 -9.85 39.42 -20.47
N GLU C 89 -10.83 39.65 -19.61
CA GLU C 89 -10.93 40.91 -18.88
C GLU C 89 -11.04 40.66 -17.38
N TYR C 90 -10.46 39.57 -16.89
CA TYR C 90 -10.51 39.30 -15.45
C TYR C 90 -9.71 40.35 -14.71
N LYS C 91 -10.26 40.80 -13.58
CA LYS C 91 -9.52 41.73 -12.73
C LYS C 91 -8.57 41.01 -11.79
N ASN C 92 -8.90 39.78 -11.41
CA ASN C 92 -8.03 38.97 -10.57
C ASN C 92 -7.97 37.57 -11.15
N ILE C 93 -6.76 37.06 -11.39
CA ILE C 93 -6.54 35.68 -11.80
C ILE C 93 -5.75 35.02 -10.68
N ILE C 94 -6.35 34.03 -10.04
CA ILE C 94 -5.76 33.38 -8.87
C ILE C 94 -5.43 31.94 -9.27
N VAL C 95 -4.15 31.56 -9.23
CA VAL C 95 -3.69 30.27 -9.75
C VAL C 95 -3.09 29.43 -8.62
N ASN C 96 -3.55 28.19 -8.52
CA ASN C 96 -3.02 27.21 -7.55
C ASN C 96 -2.42 26.07 -8.36
N ILE C 97 -1.08 25.97 -8.42
CA ILE C 97 -0.41 24.97 -9.26
C ILE C 97 -0.08 23.71 -8.47
N THR C 98 -0.70 23.55 -7.30
CA THR C 98 -0.38 22.40 -6.46
C THR C 98 -0.72 21.06 -7.13
N GLY C 99 -1.91 20.96 -7.74
CA GLY C 99 -2.41 19.69 -8.26
C GLY C 99 -1.91 19.35 -9.66
N GLY C 100 -2.54 18.34 -10.26
CA GLY C 100 -2.14 17.91 -11.59
C GLY C 100 -0.81 17.15 -11.59
N THR C 101 -0.34 16.86 -12.79
CA THR C 101 1.00 16.32 -12.99
C THR C 101 2.04 17.42 -12.86
N LYS C 102 3.31 16.97 -12.80
CA LYS C 102 4.46 17.85 -12.91
C LYS C 102 4.37 18.73 -14.15
N ILE C 103 4.11 18.12 -15.30
CA ILE C 103 4.07 18.86 -16.56
C ILE C 103 2.92 19.86 -16.57
N MET C 104 1.77 19.50 -15.99
CA MET C 104 0.66 20.46 -15.90
C MET C 104 1.07 21.66 -15.04
N SER C 105 1.66 21.41 -13.87
CA SER C 105 2.12 22.50 -13.01
C SER C 105 3.17 23.36 -13.70
N LEU C 106 4.11 22.71 -14.40
CA LEU C 106 5.14 23.46 -15.11
C LEU C 106 4.54 24.36 -16.16
N ALA C 107 3.65 23.80 -17.00
CA ALA C 107 3.04 24.60 -18.05
C ALA C 107 2.21 25.74 -17.48
N ALA C 108 1.44 25.45 -16.43
CA ALA C 108 0.65 26.50 -15.78
C ALA C 108 1.55 27.58 -15.21
N PHE C 109 2.65 27.21 -14.57
CA PHE C 109 3.50 28.23 -13.97
C PHE C 109 4.12 29.11 -15.05
N ASP C 110 4.59 28.51 -16.13
CA ASP C 110 5.22 29.27 -17.20
C ASP C 110 4.22 30.20 -17.89
N PHE C 111 2.98 29.75 -18.04
CA PHE C 111 1.95 30.60 -18.65
C PHE C 111 1.59 31.78 -17.73
N PHE C 112 1.43 31.52 -16.43
CA PHE C 112 0.94 32.57 -15.54
C PHE C 112 2.03 33.41 -14.91
N ASN C 113 3.29 32.96 -14.89
CA ASN C 113 4.34 33.78 -14.28
C ASN C 113 4.47 35.11 -15.02
N ASN C 114 4.63 36.20 -14.26
CA ASN C 114 4.83 37.54 -14.80
C ASN C 114 3.65 38.04 -15.61
N LYS C 115 2.44 37.48 -15.37
CA LYS C 115 1.25 37.95 -16.06
C LYS C 115 0.56 39.03 -15.21
N PRO C 116 -0.07 40.01 -15.83
CA PRO C 116 -0.75 41.07 -15.07
C PRO C 116 -1.94 40.51 -14.31
N ASN C 117 -2.21 41.15 -13.16
CA ASN C 117 -3.39 40.86 -12.34
C ASN C 117 -3.48 39.38 -11.96
N THR C 118 -2.32 38.75 -11.77
CA THR C 118 -2.25 37.31 -11.54
C THR C 118 -1.44 37.02 -10.28
N GLU C 119 -1.90 36.05 -9.52
CA GLU C 119 -1.20 35.58 -8.34
C GLU C 119 -1.10 34.07 -8.43
N ILE C 120 0.06 33.53 -8.10
CA ILE C 120 0.30 32.11 -8.20
C ILE C 120 0.62 31.57 -6.83
N PHE C 121 0.02 30.42 -6.48
CA PHE C 121 0.19 29.82 -5.19
C PHE C 121 0.60 28.35 -5.34
N TYR C 122 1.27 27.85 -4.31
CA TYR C 122 1.61 26.44 -4.21
C TYR C 122 1.43 25.99 -2.77
N GLN C 123 0.91 24.79 -2.58
CA GLN C 123 0.63 24.29 -1.24
C GLN C 123 1.47 23.04 -0.98
N PRO C 124 2.64 23.18 -0.36
CA PRO C 124 3.36 21.98 0.08
C PRO C 124 2.58 21.29 1.19
N ILE C 125 2.85 20.00 1.33
CA ILE C 125 1.93 19.06 1.96
C ILE C 125 1.52 19.47 3.37
N GLY C 126 2.48 19.48 4.28
CA GLY C 126 2.18 19.84 5.65
C GLY C 126 2.48 21.30 5.89
N LYS C 127 3.28 21.87 4.98
CA LYS C 127 3.83 23.20 5.11
C LYS C 127 2.75 24.26 4.86
N GLU C 128 3.16 25.52 5.03
CA GLU C 128 2.27 26.66 4.83
C GLU C 128 1.98 26.87 3.34
N LEU C 129 0.92 27.62 3.06
CA LEU C 129 0.63 28.03 1.68
C LEU C 129 1.63 29.08 1.22
N GLN C 130 2.23 28.88 0.04
CA GLN C 130 3.26 29.75 -0.50
C GLN C 130 2.70 30.55 -1.68
N GLU C 131 2.85 31.87 -1.63
CA GLU C 131 2.66 32.69 -2.82
C GLU C 131 3.98 32.71 -3.57
N LEU C 132 3.95 32.32 -4.85
CA LEU C 132 5.15 32.32 -5.68
C LEU C 132 5.30 33.60 -6.50
N TYR C 133 4.19 34.26 -6.81
CA TYR C 133 4.19 35.42 -7.69
C TYR C 133 2.90 36.19 -7.44
N PRO C 134 2.92 37.54 -7.41
CA PRO C 134 4.07 38.43 -7.63
C PRO C 134 4.93 38.70 -6.41
N ASN C 135 4.50 38.26 -5.22
CA ASN C 135 5.27 38.45 -4.01
C ASN C 135 5.57 37.08 -3.41
N LYS C 136 6.79 36.88 -2.97
CA LYS C 136 7.16 35.65 -2.27
C LYS C 136 6.80 35.82 -0.81
N GLN C 137 5.79 35.08 -0.35
CA GLN C 137 5.36 35.16 1.03
C GLN C 137 4.50 33.95 1.34
N LYS C 138 4.34 33.68 2.64
CA LYS C 138 3.61 32.52 3.12
C LYS C 138 2.37 33.00 3.87
N TYR C 139 1.33 32.18 3.81
CA TYR C 139 0.08 32.44 4.50
C TYR C 139 -0.26 31.27 5.42
N ASP C 140 -0.70 31.61 6.64
CA ASP C 140 -1.36 30.61 7.46
C ASP C 140 -2.59 30.16 6.71
N MET C 141 -2.62 28.89 6.37
CA MET C 141 -3.80 28.32 5.73
C MET C 141 -4.14 27.06 6.49
N PHE C 142 -5.26 27.09 7.20
CA PHE C 142 -5.91 25.81 7.46
C PHE C 142 -7.41 26.04 7.51
N GLU C 143 -8.07 25.59 6.46
CA GLU C 143 -9.53 25.52 6.42
C GLU C 143 -9.95 24.15 6.90
N VAL C 144 -10.76 24.10 7.93
CA VAL C 144 -11.28 22.83 8.42
C VAL C 144 -12.46 22.41 7.54
N LEU C 145 -12.47 21.14 7.18
CA LEU C 145 -13.55 20.56 6.40
C LEU C 145 -14.49 19.80 7.34
N SER C 146 -15.78 19.84 7.04
CA SER C 146 -16.70 18.94 7.69
C SER C 146 -16.51 17.52 7.16
N LEU C 147 -16.96 16.53 7.94
CA LEU C 147 -16.86 15.15 7.49
C LEU C 147 -17.63 14.95 6.18
N LYS C 148 -18.79 15.62 6.05
CA LYS C 148 -19.56 15.54 4.82
C LYS C 148 -18.79 16.13 3.64
N GLU C 149 -18.12 17.26 3.86
CA GLU C 149 -17.31 17.86 2.80
C GLU C 149 -16.19 16.91 2.37
N TYR C 150 -15.49 16.33 3.34
CA TYR C 150 -14.38 15.43 3.03
C TYR C 150 -14.86 14.25 2.19
N LEU C 151 -16.00 13.68 2.54
CA LEU C 151 -16.49 12.48 1.84
C LEU C 151 -17.12 12.84 0.49
N ASP C 152 -17.83 13.97 0.41
CA ASP C 152 -18.25 14.48 -0.89
C ASP C 152 -17.07 14.70 -1.82
N ALA C 153 -15.92 15.11 -1.27
CA ALA C 153 -14.72 15.31 -2.07
C ALA C 153 -14.21 14.02 -2.70
N HIS C 154 -14.67 12.86 -2.22
CA HIS C 154 -14.32 11.57 -2.81
C HIS C 154 -15.51 10.94 -3.52
N GLY C 155 -16.62 11.65 -3.63
CA GLY C 155 -17.81 11.08 -4.25
C GLY C 155 -18.50 10.03 -3.40
N ILE C 156 -18.37 10.11 -2.08
CA ILE C 156 -18.89 9.06 -1.19
C ILE C 156 -20.09 9.62 -0.46
N SER C 157 -21.25 9.00 -0.62
CA SER C 157 -22.36 9.31 0.27
C SER C 157 -22.35 8.34 1.44
N TYR C 158 -22.94 8.77 2.55
CA TYR C 158 -22.84 7.95 3.74
C TYR C 158 -24.05 8.18 4.63
N LYS C 159 -24.33 7.18 5.45
CA LYS C 159 -25.29 7.29 6.53
C LYS C 159 -24.65 6.74 7.79
N TYR C 160 -25.20 7.12 8.94
CA TYR C 160 -24.60 6.77 10.21
C TYR C 160 -25.67 6.79 11.28
N ASP C 161 -25.33 6.29 12.46
CA ASP C 161 -26.27 6.22 13.57
C ASP C 161 -25.50 6.54 14.85
N ASN C 162 -25.52 7.80 15.26
CA ASN C 162 -24.82 8.23 16.47
C ASN C 162 -25.68 8.13 17.72
N GLU C 163 -26.84 7.46 17.64
CA GLU C 163 -27.68 7.31 18.82
C GLU C 163 -27.25 6.05 19.55
N CYS C 164 -26.77 6.22 20.77
CA CYS C 164 -26.21 5.10 21.50
C CYS C 164 -27.27 4.49 22.40
N VAL C 165 -27.20 3.17 22.56
CA VAL C 165 -28.12 2.47 23.46
C VAL C 165 -27.89 2.93 24.90
N LYS C 166 -26.64 3.12 25.30
CA LYS C 166 -26.29 3.55 26.64
C LYS C 166 -25.48 4.82 26.57
N ASP C 167 -25.49 5.60 27.65
CA ASP C 167 -24.71 6.83 27.65
C ASP C 167 -23.27 6.55 28.06
N TRP C 168 -22.45 7.60 28.02
CA TRP C 168 -21.01 7.48 28.27
C TRP C 168 -20.74 7.05 29.72
N ASN C 169 -21.51 7.58 30.68
CA ASN C 169 -21.31 7.17 32.07
C ASN C 169 -21.51 5.67 32.24
N TYR C 170 -22.54 5.12 31.57
CA TYR C 170 -22.76 3.69 31.59
C TYR C 170 -21.64 2.94 30.88
N ASN C 171 -21.30 3.38 29.67
CA ASN C 171 -20.31 2.63 28.87
C ASN C 171 -18.92 2.71 29.46
N LYS C 172 -18.61 3.72 30.28
CA LYS C 172 -17.31 3.77 30.94
C LYS C 172 -17.10 2.57 31.86
N THR C 173 -18.16 2.05 32.48
CA THR C 173 -18.01 0.99 33.45
C THR C 173 -18.64 -0.32 33.01
N VAL C 174 -19.23 -0.38 31.80
CA VAL C 174 -19.98 -1.57 31.42
C VAL C 174 -19.08 -2.80 31.30
N TYR C 175 -17.81 -2.62 30.93
CA TYR C 175 -16.95 -3.79 30.82
C TYR C 175 -16.75 -4.45 32.17
N ASP C 176 -16.32 -3.65 33.18
CA ASP C 176 -16.06 -4.21 34.49
C ASP C 176 -17.32 -4.76 35.13
N LEU C 177 -18.45 -4.09 34.94
CA LEU C 177 -19.64 -4.43 35.71
C LEU C 177 -20.54 -5.46 35.02
N CYS C 178 -20.46 -5.61 33.69
CA CYS C 178 -21.36 -6.53 32.98
C CYS C 178 -20.66 -7.50 32.05
N VAL C 179 -19.63 -7.06 31.32
CA VAL C 179 -19.08 -7.87 30.24
C VAL C 179 -18.06 -8.87 30.78
N ALA C 180 -17.15 -8.41 31.65
CA ALA C 180 -15.98 -9.20 32.02
C ALA C 180 -16.36 -10.53 32.67
N ASP C 181 -17.41 -10.52 33.49
CA ASP C 181 -17.80 -11.72 34.24
C ASP C 181 -18.86 -12.56 33.54
N ASN C 182 -19.32 -12.16 32.34
CA ASN C 182 -20.41 -12.87 31.68
C ASN C 182 -20.07 -13.21 30.23
N ARG C 183 -18.79 -13.47 29.95
CA ARG C 183 -18.37 -13.67 28.57
C ARG C 183 -19.03 -14.88 27.93
N GLU C 184 -19.31 -15.93 28.69
CA GLU C 184 -19.86 -17.12 28.05
C GLU C 184 -21.33 -16.93 27.71
N LEU C 185 -22.08 -16.18 28.52
CA LEU C 185 -23.45 -15.82 28.16
C LEU C 185 -23.48 -14.97 26.90
N ILE C 186 -22.50 -14.08 26.76
CA ILE C 186 -22.44 -13.20 25.59
C ILE C 186 -22.13 -14.02 24.33
N LYS C 187 -21.33 -15.09 24.46
CA LYS C 187 -21.15 -15.96 23.29
C LYS C 187 -22.47 -16.58 22.85
N GLY C 188 -23.34 -16.92 23.78
CA GLY C 188 -24.65 -17.43 23.39
C GLY C 188 -25.47 -16.39 22.65
N MET C 189 -25.43 -15.13 23.11
CA MET C 189 -26.17 -14.07 22.43
C MET C 189 -25.60 -13.80 21.05
N ILE C 190 -24.29 -13.95 20.87
CA ILE C 190 -23.69 -13.82 19.56
C ILE C 190 -24.24 -14.88 18.62
N ALA C 191 -24.33 -16.12 19.08
CA ALA C 191 -24.91 -17.18 18.27
C ALA C 191 -26.39 -16.92 18.02
N LEU C 192 -27.09 -16.32 18.97
CA LEU C 192 -28.50 -16.00 18.76
C LEU C 192 -28.66 -14.94 17.68
N GLN C 193 -27.80 -13.91 17.69
CA GLN C 193 -27.90 -12.87 16.67
C GLN C 193 -27.71 -13.44 15.27
N ASN C 194 -26.83 -14.43 15.13
CA ASN C 194 -26.53 -15.02 13.83
C ASN C 194 -27.49 -16.13 13.42
N ASN C 195 -28.40 -16.55 14.31
CA ASN C 195 -29.37 -17.57 13.96
C ASN C 195 -30.44 -17.02 13.01
N SER C 196 -30.85 -17.86 12.04
CA SER C 196 -31.69 -17.38 10.95
C SER C 196 -33.10 -17.06 11.42
N TYR C 197 -33.61 -17.76 12.43
CA TYR C 197 -34.92 -17.40 12.96
C TYR C 197 -34.92 -15.98 13.51
N PHE C 198 -34.05 -15.71 14.49
CA PHE C 198 -34.00 -14.39 15.10
C PHE C 198 -33.63 -13.32 14.09
N ASN C 199 -32.73 -13.64 13.16
CA ASN C 199 -32.32 -12.64 12.17
C ASN C 199 -33.48 -12.29 11.25
N ASN C 200 -34.32 -13.27 10.90
CA ASN C 200 -35.41 -13.01 9.97
C ASN C 200 -36.63 -12.42 10.66
N VAL C 201 -36.88 -12.80 11.93
CA VAL C 201 -38.05 -12.26 12.60
C VAL C 201 -37.89 -10.77 12.87
N TYR C 202 -36.65 -10.29 13.07
CA TYR C 202 -36.45 -8.85 13.20
C TYR C 202 -36.66 -8.10 11.89
N LYS C 203 -36.69 -8.78 10.75
CA LYS C 203 -37.06 -8.05 9.55
C LYS C 203 -38.56 -7.85 9.45
N ARG C 204 -39.35 -8.67 10.16
CA ARG C 204 -40.80 -8.47 10.21
C ARG C 204 -41.29 -7.80 11.48
N LYS C 205 -40.46 -7.68 12.51
CA LYS C 205 -40.87 -7.10 13.78
C LYS C 205 -39.82 -6.13 14.27
N ASP C 206 -40.28 -5.08 14.98
CA ASP C 206 -39.39 -4.12 15.60
C ASP C 206 -38.89 -4.53 16.99
N PHE C 207 -39.60 -5.41 17.69
CA PHE C 207 -39.19 -5.84 19.02
C PHE C 207 -39.72 -7.24 19.30
N LEU C 208 -38.94 -8.03 20.04
CA LEU C 208 -39.35 -9.34 20.51
C LEU C 208 -39.65 -9.33 22.00
N ASP C 209 -40.43 -10.31 22.43
CA ASP C 209 -40.74 -10.57 23.83
C ASP C 209 -40.11 -11.93 24.08
N PHE C 210 -38.95 -11.91 24.73
CA PHE C 210 -38.18 -13.13 24.92
C PHE C 210 -38.82 -14.12 25.87
N THR C 211 -39.78 -13.71 26.70
CA THR C 211 -40.43 -14.67 27.58
C THR C 211 -41.40 -15.56 26.81
N GLN C 212 -42.06 -15.00 25.81
CA GLN C 212 -43.02 -15.76 25.02
C GLN C 212 -42.40 -16.61 23.92
N ILE C 213 -41.13 -16.39 23.58
CA ILE C 213 -40.50 -17.16 22.52
C ILE C 213 -40.40 -18.63 22.93
N GLU C 214 -40.80 -19.52 22.03
CA GLU C 214 -40.78 -20.95 22.31
C GLU C 214 -39.35 -21.42 22.51
N GLU C 215 -39.16 -22.33 23.49
CA GLU C 215 -37.83 -22.82 23.80
C GLU C 215 -37.16 -23.48 22.60
N GLU C 216 -37.95 -24.04 21.68
CA GLU C 216 -37.39 -24.76 20.55
C GLU C 216 -36.63 -23.83 19.60
N LYS C 217 -36.94 -22.54 19.61
CA LYS C 217 -36.20 -21.63 18.76
C LYS C 217 -34.85 -21.27 19.37
N PHE C 218 -34.74 -21.27 20.70
CA PHE C 218 -33.42 -21.14 21.32
C PHE C 218 -32.58 -22.39 21.13
N ILE C 219 -33.21 -23.56 21.09
CA ILE C 219 -32.44 -24.78 20.86
C ILE C 219 -32.03 -24.92 19.40
N ALA C 220 -32.66 -24.16 18.50
CA ALA C 220 -32.32 -24.19 17.08
C ALA C 220 -31.02 -23.45 16.79
N ILE C 221 -30.61 -22.57 17.71
CA ILE C 221 -29.32 -21.90 17.60
C ILE C 221 -28.19 -22.91 17.69
N ASN C 222 -28.38 -23.95 18.50
CA ASN C 222 -27.37 -24.95 18.81
C ASN C 222 -26.06 -24.34 19.29
N HIS C 223 -26.14 -23.47 20.29
CA HIS C 223 -24.96 -23.10 21.04
C HIS C 223 -25.25 -23.44 22.50
N PRO C 224 -24.31 -24.08 23.22
CA PRO C 224 -24.63 -24.50 24.59
C PRO C 224 -25.06 -23.35 25.48
N ALA C 225 -24.35 -22.22 25.40
CA ALA C 225 -24.71 -21.06 26.22
C ALA C 225 -26.06 -20.47 25.81
N ALA C 226 -26.49 -20.65 24.57
CA ALA C 226 -27.69 -19.99 24.05
C ALA C 226 -28.93 -20.80 24.43
N THR C 227 -29.30 -20.71 25.69
CA THR C 227 -30.55 -21.28 26.19
C THR C 227 -31.48 -20.13 26.52
N LYS C 228 -32.79 -20.40 26.45
CA LYS C 228 -33.77 -19.37 26.74
C LYS C 228 -33.45 -18.65 28.03
N GLU C 229 -33.22 -19.41 29.11
CA GLU C 229 -32.97 -18.79 30.41
C GLU C 229 -31.68 -17.99 30.43
N ASN C 230 -30.62 -18.48 29.77
CA ASN C 230 -29.37 -17.73 29.73
C ASN C 230 -29.57 -16.39 29.02
N MET C 231 -30.28 -16.39 27.89
CA MET C 231 -30.48 -15.17 27.12
C MET C 231 -31.36 -14.18 27.87
N ILE C 232 -32.35 -14.65 28.62
CA ILE C 232 -33.13 -13.75 29.48
C ILE C 232 -32.23 -13.12 30.53
N LYS C 233 -31.33 -13.91 31.11
CA LYS C 233 -30.45 -13.41 32.16
C LYS C 233 -29.49 -12.35 31.62
N ILE C 234 -28.83 -12.63 30.49
CA ILE C 234 -27.84 -11.67 30.01
C ILE C 234 -28.52 -10.38 29.58
N LEU C 235 -29.76 -10.46 29.09
CA LEU C 235 -30.49 -9.24 28.76
C LEU C 235 -30.79 -8.42 30.00
N GLN C 236 -31.10 -9.09 31.11
CA GLN C 236 -31.40 -8.38 32.34
C GLN C 236 -30.13 -7.83 32.98
N ILE C 237 -29.01 -8.55 32.83
CA ILE C 237 -27.74 -8.03 33.32
C ILE C 237 -27.45 -6.66 32.69
N PHE C 238 -27.75 -6.50 31.41
CA PHE C 238 -27.58 -5.24 30.69
C PHE C 238 -28.78 -4.30 30.82
N GLY C 239 -29.73 -4.59 31.70
CA GLY C 239 -30.77 -3.62 32.01
C GLY C 239 -31.84 -3.43 30.96
N PHE C 240 -32.10 -4.43 30.14
CA PHE C 240 -33.09 -4.33 29.07
C PHE C 240 -34.42 -4.90 29.54
N ASP C 241 -35.51 -4.40 28.95
CA ASP C 241 -36.85 -4.92 29.21
C ASP C 241 -37.05 -6.19 28.39
N VAL C 242 -37.02 -7.35 29.07
CA VAL C 242 -37.09 -8.64 28.39
C VAL C 242 -38.39 -8.82 27.60
N SER C 243 -39.45 -8.09 27.96
CA SER C 243 -40.69 -8.16 27.22
C SER C 243 -40.67 -7.32 25.94
N ARG C 244 -39.56 -6.62 25.63
CA ARG C 244 -39.51 -5.75 24.45
C ARG C 244 -38.06 -5.57 23.99
N ILE C 245 -37.48 -6.59 23.39
CA ILE C 245 -36.08 -6.56 23.00
C ILE C 245 -35.99 -6.17 21.53
N GLU C 246 -35.33 -5.04 21.26
CA GLU C 246 -35.05 -4.64 19.89
C GLU C 246 -33.73 -5.25 19.41
N HIS C 247 -33.58 -5.32 18.08
CA HIS C 247 -32.37 -5.91 17.53
C HIS C 247 -31.14 -5.10 17.92
N LYS C 248 -31.26 -3.78 17.97
CA LYS C 248 -30.18 -2.93 18.45
C LYS C 248 -29.74 -3.30 19.87
N HIS C 249 -30.62 -3.90 20.68
CA HIS C 249 -30.24 -4.29 22.03
C HIS C 249 -29.35 -5.53 22.01
N ILE C 250 -29.68 -6.48 21.14
CA ILE C 250 -28.85 -7.66 20.93
C ILE C 250 -27.50 -7.25 20.38
N ARG C 251 -27.49 -6.35 19.39
CA ARG C 251 -26.24 -5.85 18.83
C ARG C 251 -25.39 -5.17 19.89
N TYR C 252 -26.03 -4.43 20.81
CA TYR C 252 -25.28 -3.83 21.90
C TYR C 252 -24.51 -4.89 22.67
N ILE C 253 -25.19 -5.97 23.07
CA ILE C 253 -24.57 -7.00 23.89
C ILE C 253 -23.45 -7.71 23.13
N THR C 254 -23.65 -8.00 21.85
CA THR C 254 -22.68 -8.78 21.09
C THR C 254 -21.46 -7.97 20.64
N GLY C 255 -21.33 -6.72 21.08
CA GLY C 255 -20.14 -5.96 20.72
C GLY C 255 -20.39 -4.50 20.44
N GLY C 256 -21.66 -4.13 20.23
CA GLY C 256 -21.97 -2.72 20.04
C GLY C 256 -21.56 -1.85 21.21
N TRP C 257 -21.58 -2.41 22.42
CA TRP C 257 -21.17 -1.63 23.60
C TRP C 257 -19.77 -1.08 23.41
N PHE C 258 -18.89 -1.88 22.80
CA PHE C 258 -17.51 -1.43 22.61
C PHE C 258 -17.42 -0.36 21.54
N GLU C 259 -18.22 -0.47 20.47
CA GLU C 259 -18.28 0.60 19.48
C GLU C 259 -18.74 1.92 20.13
N GLU C 260 -19.81 1.86 20.92
CA GLU C 260 -20.31 3.05 21.62
C GLU C 260 -19.24 3.60 22.56
N TYR C 261 -18.56 2.72 23.29
CA TYR C 261 -17.49 3.16 24.18
C TYR C 261 -16.42 3.94 23.43
N VAL C 262 -15.96 3.40 22.30
CA VAL C 262 -14.93 4.07 21.51
C VAL C 262 -15.45 5.39 20.99
N TYR C 263 -16.62 5.37 20.35
CA TYR C 263 -17.23 6.58 19.82
C TYR C 263 -17.38 7.63 20.91
N GLN C 264 -17.93 7.25 22.06
CA GLN C 264 -18.14 8.23 23.12
C GLN C 264 -16.82 8.70 23.72
N LYS C 265 -15.83 7.81 23.80
CA LYS C 265 -14.52 8.21 24.32
C LYS C 265 -13.89 9.28 23.45
N ILE C 266 -14.03 9.16 22.13
CA ILE C 266 -13.50 10.17 21.22
C ILE C 266 -14.20 11.51 21.45
N CYS C 267 -15.53 11.50 21.47
CA CYS C 267 -16.27 12.75 21.62
C CYS C 267 -16.00 13.42 22.96
N ASN C 268 -15.60 12.68 23.97
CA ASN C 268 -15.44 13.24 25.31
C ASN C 268 -13.99 13.51 25.69
N GLU C 269 -13.03 12.85 25.06
CA GLU C 269 -11.66 12.93 25.56
C GLU C 269 -10.66 13.36 24.51
N TYR C 270 -10.91 13.04 23.25
CA TYR C 270 -9.95 13.34 22.17
C TYR C 270 -10.05 14.81 21.79
N HIS C 271 -8.95 15.55 21.92
CA HIS C 271 -9.04 17.00 21.74
C HIS C 271 -8.69 17.50 20.35
N ASN C 272 -7.92 16.77 19.55
CA ASN C 272 -7.66 17.19 18.18
C ASN C 272 -8.81 16.85 17.22
N VAL C 273 -9.99 16.52 17.74
CA VAL C 273 -11.13 16.16 16.91
C VAL C 273 -12.37 16.87 17.42
N ASP C 274 -13.14 17.43 16.50
CA ASP C 274 -14.42 18.04 16.81
C ASP C 274 -15.51 16.98 16.78
N GLU C 275 -16.40 17.05 17.78
CA GLU C 275 -17.42 16.03 17.97
C GLU C 275 -18.36 15.91 16.77
N LYS C 276 -18.62 17.02 16.08
CA LYS C 276 -19.46 17.00 14.89
C LYS C 276 -18.84 16.24 13.73
N ASN C 277 -17.55 15.91 13.81
CA ASN C 277 -16.88 15.17 12.74
C ASN C 277 -16.63 13.73 13.12
N VAL C 278 -17.34 13.21 14.12
CA VAL C 278 -17.24 11.82 14.55
C VAL C 278 -18.56 11.14 14.22
N ALA C 279 -18.48 9.94 13.65
CA ALA C 279 -19.67 9.21 13.23
C ALA C 279 -19.54 7.74 13.60
N LEU C 280 -20.65 7.15 14.02
CA LEU C 280 -20.70 5.79 14.52
C LEU C 280 -21.61 4.95 13.62
N ASN C 281 -21.22 3.70 13.40
CA ASN C 281 -22.01 2.77 12.57
C ASN C 281 -22.31 3.40 11.21
N VAL C 282 -21.24 3.61 10.46
CA VAL C 282 -21.30 4.37 9.22
C VAL C 282 -21.50 3.42 8.05
N THR C 283 -22.40 3.75 7.14
CA THR C 283 -22.49 3.07 5.86
C THR C 283 -22.04 4.02 4.77
N ILE C 284 -20.99 3.64 4.05
CA ILE C 284 -20.48 4.45 2.93
C ILE C 284 -20.92 3.82 1.63
N GLN C 285 -21.17 4.66 0.62
CA GLN C 285 -21.59 4.18 -0.69
C GLN C 285 -20.92 5.01 -1.77
N LYS C 286 -20.40 4.32 -2.79
CA LYS C 286 -19.86 4.99 -3.96
C LYS C 286 -20.16 4.12 -5.17
N GLY C 287 -20.98 4.65 -6.09
CA GLY C 287 -21.42 3.84 -7.21
C GLY C 287 -22.26 2.69 -6.70
N ASN C 288 -21.87 1.47 -7.08
CA ASN C 288 -22.55 0.26 -6.62
C ASN C 288 -21.78 -0.45 -5.50
N ASP C 289 -20.88 0.26 -4.82
CA ASP C 289 -20.13 -0.32 -3.71
C ASP C 289 -20.62 0.27 -2.40
N LYS C 290 -20.96 -0.61 -1.45
CA LYS C 290 -21.34 -0.19 -0.12
C LYS C 290 -20.62 -1.04 0.92
N ASN C 291 -20.26 -0.38 2.01
CA ASN C 291 -19.56 -1.04 3.10
C ASN C 291 -19.86 -0.28 4.38
N GLU C 292 -19.57 -0.92 5.50
CA GLU C 292 -19.89 -0.38 6.82
C GLU C 292 -18.59 -0.18 7.59
N LEU C 293 -18.54 0.91 8.35
CA LEU C 293 -17.40 1.25 9.18
C LEU C 293 -17.86 1.41 10.62
N ASP C 294 -17.06 0.91 11.57
CA ASP C 294 -17.47 0.98 12.98
C ASP C 294 -17.53 2.41 13.49
N VAL C 295 -16.39 3.08 13.50
CA VAL C 295 -16.27 4.48 13.93
C VAL C 295 -15.30 5.18 12.98
N ILE C 296 -15.66 6.38 12.55
CA ILE C 296 -14.76 7.21 11.75
C ILE C 296 -14.75 8.61 12.33
N TYR C 297 -13.66 9.33 12.10
CA TYR C 297 -13.65 10.74 12.43
C TYR C 297 -12.60 11.47 11.61
N LEU C 298 -12.91 12.71 11.29
CA LEU C 298 -12.01 13.62 10.59
C LEU C 298 -11.41 14.56 11.61
N ASP C 299 -10.09 14.50 11.81
CA ASP C 299 -9.50 15.32 12.85
C ASP C 299 -9.36 16.77 12.38
N LYS C 300 -8.86 17.63 13.27
CA LYS C 300 -8.70 19.04 12.96
C LYS C 300 -7.51 19.31 12.05
N ASP C 301 -6.80 18.28 11.60
CA ASP C 301 -5.83 18.38 10.53
C ASP C 301 -6.40 17.88 9.21
N ASN C 302 -7.73 17.71 9.14
CA ASN C 302 -8.42 17.20 7.96
C ASN C 302 -7.91 15.82 7.54
N LYS C 303 -7.49 14.99 8.48
CA LYS C 303 -7.14 13.61 8.16
C LYS C 303 -8.19 12.66 8.70
N LEU C 304 -8.57 11.68 7.88
CA LEU C 304 -9.66 10.79 8.20
C LEU C 304 -9.14 9.54 8.92
N HIS C 305 -9.74 9.25 10.08
CA HIS C 305 -9.41 8.07 10.86
C HIS C 305 -10.53 7.05 10.76
N VAL C 306 -10.17 5.78 10.58
CA VAL C 306 -11.12 4.68 10.56
C VAL C 306 -10.71 3.68 11.62
N ILE C 307 -11.66 3.27 12.45
CA ILE C 307 -11.38 2.38 13.57
C ILE C 307 -12.16 1.09 13.36
N GLU C 308 -11.46 -0.03 13.39
CA GLU C 308 -12.10 -1.33 13.52
C GLU C 308 -12.18 -1.65 15.01
N CYS C 309 -13.40 -1.80 15.51
CA CYS C 309 -13.62 -2.13 16.91
C CYS C 309 -13.86 -3.62 17.00
N LYS C 310 -12.94 -4.33 17.65
CA LYS C 310 -13.10 -5.77 17.91
C LYS C 310 -12.96 -5.96 19.41
N SER C 311 -14.10 -6.10 20.10
CA SER C 311 -14.10 -6.14 21.55
C SER C 311 -13.08 -7.16 22.06
N PHE C 312 -13.12 -8.39 21.52
CA PHE C 312 -12.21 -9.42 21.96
C PHE C 312 -11.62 -10.16 20.77
N VAL C 313 -10.32 -10.42 20.84
CA VAL C 313 -9.62 -11.33 19.94
C VAL C 313 -8.91 -12.35 20.83
N ASP C 314 -9.30 -13.61 20.74
CA ASP C 314 -8.84 -14.61 21.69
C ASP C 314 -7.57 -15.34 21.24
N GLY C 315 -6.77 -14.73 20.37
CA GLY C 315 -5.47 -15.27 20.05
C GLY C 315 -5.47 -16.33 18.97
N ASN C 316 -6.42 -17.26 19.05
CA ASN C 316 -6.59 -18.23 17.97
C ASN C 316 -7.12 -17.57 16.71
N GLU C 317 -7.80 -16.44 16.83
CA GLU C 317 -8.38 -15.74 15.68
C GLU C 317 -7.47 -14.63 15.19
N GLY C 318 -6.19 -14.67 15.54
CA GLY C 318 -5.30 -13.57 15.20
C GLY C 318 -5.15 -13.35 13.70
N ASN C 319 -4.93 -14.44 12.96
CA ASN C 319 -4.70 -14.30 11.53
C ASN C 319 -5.94 -13.80 10.81
N ARG C 320 -7.12 -14.28 11.23
CA ARG C 320 -8.34 -13.88 10.54
C ARG C 320 -8.64 -12.40 10.77
N VAL C 321 -8.48 -11.94 12.02
CA VAL C 321 -8.79 -10.55 12.36
C VAL C 321 -7.87 -9.59 11.61
N LEU C 322 -6.57 -9.89 11.57
CA LEU C 322 -5.66 -9.03 10.82
C LEU C 322 -5.99 -9.06 9.34
N ASN C 323 -6.31 -10.24 8.80
CA ASN C 323 -6.69 -10.37 7.39
C ASN C 323 -7.94 -9.56 7.10
N ASP C 324 -8.96 -9.70 7.95
CA ASP C 324 -10.19 -8.93 7.79
C ASP C 324 -9.91 -7.43 7.84
N ALA C 325 -9.07 -6.99 8.78
CA ALA C 325 -8.78 -5.56 8.89
C ALA C 325 -7.99 -5.07 7.68
N LEU C 326 -6.94 -5.81 7.30
CA LEU C 326 -6.20 -5.44 6.10
C LEU C 326 -7.10 -5.42 4.88
N TYR C 327 -8.03 -6.37 4.79
CA TYR C 327 -8.93 -6.39 3.64
C TYR C 327 -9.85 -5.18 3.63
N LYS C 328 -10.41 -4.81 4.78
CA LYS C 328 -11.25 -3.62 4.84
C LYS C 328 -10.45 -2.35 4.55
N LEU C 329 -9.22 -2.26 5.06
CA LEU C 329 -8.45 -1.04 4.83
C LEU C 329 -7.99 -0.91 3.39
N GLN C 330 -7.33 -1.94 2.86
CA GLN C 330 -6.66 -1.77 1.58
C GLN C 330 -7.56 -2.10 0.40
N ALA C 331 -8.17 -3.28 0.41
CA ALA C 331 -8.95 -3.70 -0.76
C ALA C 331 -10.22 -2.87 -0.91
N ILE C 332 -10.84 -2.49 0.20
CA ILE C 332 -12.14 -1.81 0.18
C ILE C 332 -11.97 -0.31 0.28
N ILE C 333 -11.51 0.16 1.45
CA ILE C 333 -11.50 1.59 1.70
C ILE C 333 -10.59 2.31 0.72
N LYS C 334 -9.45 1.72 0.40
CA LYS C 334 -8.51 2.43 -0.48
C LYS C 334 -8.82 2.16 -1.95
N SER C 335 -8.88 0.88 -2.35
CA SER C 335 -8.96 0.54 -3.77
C SER C 335 -10.34 0.80 -4.36
N LYS C 336 -11.42 0.59 -3.60
CA LYS C 336 -12.74 0.78 -4.18
C LYS C 336 -13.33 2.15 -3.88
N PHE C 337 -12.92 2.78 -2.79
CA PHE C 337 -13.49 4.06 -2.40
C PHE C 337 -12.54 5.23 -2.59
N GLY C 338 -11.25 4.97 -2.80
CA GLY C 338 -10.27 6.03 -3.03
C GLY C 338 -9.92 6.83 -1.80
N LEU C 339 -10.07 6.24 -0.62
CA LEU C 339 -9.85 6.92 0.65
C LEU C 339 -8.47 6.58 1.20
N TYR C 340 -7.71 7.61 1.56
CA TYR C 340 -6.42 7.47 2.22
C TYR C 340 -6.62 7.88 3.68
N VAL C 341 -6.63 6.89 4.57
CA VAL C 341 -7.04 7.11 5.95
C VAL C 341 -5.93 6.64 6.88
N LYS C 342 -6.06 7.01 8.15
CA LYS C 342 -5.27 6.41 9.21
C LYS C 342 -6.12 5.28 9.81
N GLN C 343 -5.56 4.08 9.84
CA GLN C 343 -6.32 2.91 10.26
C GLN C 343 -5.94 2.56 11.69
N HIS C 344 -6.96 2.27 12.49
CA HIS C 344 -6.79 1.86 13.87
C HIS C 344 -7.59 0.59 14.11
N LEU C 345 -7.08 -0.25 15.01
CA LEU C 345 -7.84 -1.40 15.51
C LEU C 345 -7.87 -1.27 17.02
N TYR C 346 -9.06 -1.15 17.59
CA TYR C 346 -9.25 -1.06 19.03
C TYR C 346 -9.79 -2.38 19.55
N THR C 347 -9.23 -2.85 20.66
CA THR C 347 -9.69 -4.10 21.25
C THR C 347 -9.51 -4.05 22.76
N LYS C 348 -10.39 -4.74 23.47
CA LYS C 348 -10.22 -4.92 24.91
C LYS C 348 -9.24 -6.05 25.23
N SER C 349 -8.96 -6.92 24.28
CA SER C 349 -8.01 -7.99 24.50
C SER C 349 -6.58 -7.43 24.63
N ILE C 350 -5.71 -8.26 25.19
CA ILE C 350 -4.30 -7.93 25.35
C ILE C 350 -3.54 -8.56 24.19
N ILE C 351 -2.91 -7.75 23.37
CA ILE C 351 -2.17 -8.25 22.22
C ILE C 351 -0.75 -8.51 22.68
N GLU C 352 -0.40 -9.79 22.81
CA GLU C 352 0.96 -10.12 23.19
C GLU C 352 1.90 -9.96 22.00
N LYS C 353 3.17 -9.74 22.29
CA LYS C 353 4.11 -9.59 21.19
C LYS C 353 4.46 -10.95 20.64
N GLU C 354 4.90 -10.97 19.38
CA GLU C 354 5.19 -12.20 18.64
C GLU C 354 3.92 -13.01 18.32
N THR C 355 2.77 -12.35 18.31
CA THR C 355 1.49 -12.90 17.87
C THR C 355 1.15 -12.27 16.51
N PRO C 356 0.26 -12.88 15.72
CA PRO C 356 -0.05 -12.29 14.41
C PRO C 356 -0.61 -10.88 14.48
N LEU C 357 -1.43 -10.56 15.49
CA LEU C 357 -1.99 -9.22 15.60
C LEU C 357 -0.91 -8.16 15.82
N ASN C 358 0.22 -8.53 16.42
CA ASN C 358 1.28 -7.56 16.65
C ASN C 358 1.91 -7.06 15.36
N ARG C 359 1.76 -7.79 14.25
CA ARG C 359 2.27 -7.35 12.94
C ARG C 359 1.54 -6.14 12.40
N ALA C 360 0.38 -5.79 12.95
CA ALA C 360 -0.45 -4.75 12.34
C ALA C 360 0.27 -3.41 12.25
N LYS C 361 1.12 -3.09 13.22
CA LYS C 361 1.81 -1.79 13.19
C LYS C 361 2.72 -1.67 11.97
N GLU C 362 3.26 -2.79 11.50
CA GLU C 362 4.10 -2.77 10.31
C GLU C 362 3.30 -2.63 9.03
N PHE C 363 1.98 -2.79 9.10
CA PHE C 363 1.08 -2.44 8.01
C PHE C 363 0.56 -1.02 8.10
N GLY C 364 0.99 -0.24 9.09
CA GLY C 364 0.47 1.08 9.28
C GLY C 364 -0.78 1.16 10.12
N ILE C 365 -1.19 0.05 10.74
CA ILE C 365 -2.41 0.01 11.55
C ILE C 365 -2.05 0.23 13.01
N ASP C 366 -2.60 1.28 13.60
CA ASP C 366 -2.37 1.57 15.01
C ASP C 366 -3.31 0.71 15.85
N ILE C 367 -2.75 -0.05 16.80
CA ILE C 367 -3.55 -0.89 17.68
C ILE C 367 -3.57 -0.28 19.07
N LYS C 368 -4.76 -0.12 19.63
CA LYS C 368 -4.95 0.23 21.04
C LYS C 368 -5.64 -0.95 21.69
N ASP C 369 -4.89 -1.70 22.50
CA ASP C 369 -5.42 -2.91 23.13
C ASP C 369 -5.89 -2.61 24.55
N GLY C 370 -6.16 -3.67 25.32
CA GLY C 370 -6.71 -3.52 26.66
C GLY C 370 -5.89 -2.65 27.58
N THR C 371 -4.55 -2.68 27.44
CA THR C 371 -3.70 -1.85 28.27
C THR C 371 -3.81 -0.35 27.98
N GLN C 372 -4.56 0.04 26.95
CA GLN C 372 -4.78 1.45 26.66
C GLN C 372 -6.24 1.87 26.78
N LEU C 373 -7.16 0.95 27.04
CA LEU C 373 -8.59 1.25 27.08
C LEU C 373 -9.21 0.84 28.42
#